data_3TGR
#
_entry.id   3TGR
#
_cell.length_a   67.860
_cell.length_b   127.510
_cell.length_c   193.040
_cell.angle_alpha   90.00
_cell.angle_beta   90.00
_cell.angle_gamma   90.00
#
_symmetry.space_group_name_H-M   'C 2 2 21'
#
loop_
_entity.id
_entity.type
_entity.pdbx_description
1 polymer 'HIV-1 clade C1086 gp120'
2 non-polymer 2-acetamido-2-deoxy-beta-D-glucopyranose
3 water water
#
_entity_poly.entity_id   1
_entity_poly.type   'polypeptide(L)'
_entity_poly.pdbx_seq_one_letter_code
;VWKEAKTTLFCASDAKAYEKEVHNVWATHACVPTDPNPQEMVLANVTENFNMWKNDMVEQMHEDIISLWDESLKPCVKLT
GGSAITQACPKVSFDPIPLHYCAPAGFAILKCNNKTFNGTGPCRNVSTVQCTHGIKPVVSTQLLLNGSLAEEEIIIRSEN
LTNNAKTIIVHLNESVNIVCTRPNNGGSGSGGNIRQAHCNINESKWNNTLQKVGEELAKHFPSKTIKFEPSSGGDLEITT
HSFNCRGEFFYCNTSDLFNGTYRNGTYNHTGRSSNGTITLQCKIKQIINMWQEVGRAIYAPPIEGEITCNSNITGLLLLR
DGGQSNETNDTETFRPGGGDMRDNWRSELYKYKVVEIK
;
_entity_poly.pdbx_strand_id   A,B
#
loop_
_chem_comp.id
_chem_comp.type
_chem_comp.name
_chem_comp.formula
NAG D-saccharide, beta linking 2-acetamido-2-deoxy-beta-D-glucopyranose 'C8 H15 N O6'
#
# COMPACT_ATOMS: atom_id res chain seq x y z
N VAL A 1 -29.11 -6.35 -25.00
CA VAL A 1 -28.45 -5.23 -25.66
C VAL A 1 -26.97 -5.14 -25.27
N TRP A 2 -26.21 -6.18 -25.57
CA TRP A 2 -24.78 -6.19 -25.29
C TRP A 2 -24.06 -7.18 -26.19
N LYS A 3 -22.78 -6.92 -26.42
CA LYS A 3 -21.98 -7.76 -27.31
C LYS A 3 -20.49 -7.56 -27.09
N GLU A 4 -19.70 -7.86 -28.13
CA GLU A 4 -18.25 -7.78 -28.04
C GLU A 4 -17.71 -6.75 -29.02
N ALA A 5 -17.24 -5.61 -28.50
CA ALA A 5 -16.76 -4.53 -29.34
C ALA A 5 -15.45 -3.94 -28.82
N LYS A 6 -14.60 -3.50 -29.74
CA LYS A 6 -13.31 -2.92 -29.40
C LYS A 6 -13.36 -1.40 -29.31
N THR A 7 -12.83 -0.86 -28.22
CA THR A 7 -12.82 0.58 -28.00
C THR A 7 -11.58 0.99 -27.22
N THR A 8 -11.23 2.27 -27.28
CA THR A 8 -10.03 2.76 -26.62
C THR A 8 -10.31 3.20 -25.18
N LEU A 9 -9.71 2.48 -24.23
CA LEU A 9 -9.95 2.73 -22.81
C LEU A 9 -9.06 3.84 -22.26
N PHE A 10 -9.42 4.32 -21.08
CA PHE A 10 -8.60 5.29 -20.36
C PHE A 10 -8.37 4.78 -18.94
N CYS A 11 -7.30 5.24 -18.31
CA CYS A 11 -6.96 4.75 -16.97
C CYS A 11 -7.28 5.78 -15.88
N ALA A 12 -7.42 5.28 -14.65
CA ALA A 12 -7.63 6.14 -13.50
C ALA A 12 -6.74 5.63 -12.36
N SER A 13 -6.47 6.49 -11.38
CA SER A 13 -5.61 6.10 -10.27
C SER A 13 -5.64 7.09 -9.12
N ASP A 14 -5.14 6.66 -7.97
CA ASP A 14 -5.00 7.53 -6.80
C ASP A 14 -3.61 8.14 -6.78
N ALA A 15 -3.04 8.36 -7.96
CA ALA A 15 -1.71 8.96 -8.07
C ALA A 15 -1.68 10.33 -7.41
N LYS A 16 -0.53 10.71 -6.87
CA LYS A 16 -0.39 11.98 -6.19
C LYS A 16 0.52 12.94 -6.94
N ALA A 17 0.03 14.15 -7.17
CA ALA A 17 0.71 15.13 -8.00
C ALA A 17 1.95 15.73 -7.33
N TYR A 18 2.14 15.42 -6.06
CA TYR A 18 3.28 15.94 -5.30
C TYR A 18 4.39 14.90 -5.18
N GLU A 19 4.06 13.66 -5.52
CA GLU A 19 5.02 12.57 -5.40
C GLU A 19 5.95 12.52 -6.61
N LYS A 20 7.23 12.27 -6.36
CA LYS A 20 8.22 12.24 -7.44
C LYS A 20 8.49 10.83 -7.95
N GLU A 21 7.71 9.86 -7.49
CA GLU A 21 7.78 8.52 -8.04
C GLU A 21 7.23 8.54 -9.47
N VAL A 22 7.93 7.87 -10.38
CA VAL A 22 7.60 7.91 -11.80
C VAL A 22 6.20 7.39 -12.12
N HIS A 23 5.77 6.39 -11.36
CA HIS A 23 4.43 5.83 -11.55
C HIS A 23 3.37 6.88 -11.26
N ASN A 24 3.65 7.74 -10.28
CA ASN A 24 2.77 8.86 -9.96
C ASN A 24 2.88 9.97 -10.98
N VAL A 25 4.12 10.29 -11.38
CA VAL A 25 4.35 11.33 -12.37
C VAL A 25 3.60 11.05 -13.67
N TRP A 26 3.79 9.83 -14.19
CA TRP A 26 3.13 9.42 -15.41
C TRP A 26 1.61 9.42 -15.26
N ALA A 27 1.14 8.86 -14.14
CA ALA A 27 -0.29 8.69 -13.91
C ALA A 27 -1.06 10.01 -13.83
N THR A 28 -0.54 10.96 -13.06
CA THR A 28 -1.22 12.23 -12.85
C THR A 28 -1.48 12.98 -14.14
N HIS A 29 -0.62 12.77 -15.14
CA HIS A 29 -0.74 13.47 -16.41
C HIS A 29 -1.39 12.61 -17.49
N ALA A 30 -1.48 11.31 -17.24
CA ALA A 30 -2.02 10.39 -18.23
C ALA A 30 -3.31 9.69 -17.76
N CYS A 31 -3.69 9.95 -16.51
CA CYS A 31 -4.87 9.30 -15.95
C CYS A 31 -5.85 10.27 -15.29
N VAL A 32 -7.08 9.80 -15.12
CA VAL A 32 -8.12 10.54 -14.42
C VAL A 32 -8.10 10.13 -12.96
N PRO A 33 -8.39 11.07 -12.04
CA PRO A 33 -8.52 10.67 -10.63
C PRO A 33 -9.55 9.56 -10.49
N THR A 34 -9.37 8.68 -9.52
CA THR A 34 -10.35 7.62 -9.29
C THR A 34 -11.73 8.23 -9.10
N ASP A 35 -12.77 7.43 -9.31
CA ASP A 35 -14.14 7.92 -9.27
C ASP A 35 -14.50 8.73 -8.01
N PRO A 36 -14.13 8.23 -6.83
CA PRO A 36 -13.46 6.96 -6.55
C PRO A 36 -14.44 5.89 -6.08
N ASN A 37 -15.73 6.10 -6.33
CA ASN A 37 -16.73 5.16 -5.85
C ASN A 37 -17.89 4.92 -6.82
N PRO A 38 -17.65 4.13 -7.87
CA PRO A 38 -18.75 3.66 -8.72
C PRO A 38 -19.42 2.48 -8.03
N GLN A 39 -20.35 1.80 -8.70
CA GLN A 39 -21.01 0.66 -8.08
C GLN A 39 -21.12 -0.54 -9.04
N GLU A 40 -21.11 -1.74 -8.45
CA GLU A 40 -21.25 -2.96 -9.22
C GLU A 40 -22.71 -3.20 -9.60
N MET A 41 -23.00 -3.18 -10.89
CA MET A 41 -24.34 -3.46 -11.38
C MET A 41 -24.47 -4.96 -11.63
N VAL A 42 -24.89 -5.69 -10.60
CA VAL A 42 -24.95 -7.14 -10.66
C VAL A 42 -26.06 -7.63 -11.59
N LEU A 43 -25.85 -8.78 -12.21
CA LEU A 43 -26.79 -9.32 -13.17
C LEU A 43 -27.10 -10.78 -12.89
N ALA A 44 -28.36 -11.17 -13.12
CA ALA A 44 -28.78 -12.54 -12.86
C ALA A 44 -29.35 -13.19 -14.12
N ASN A 45 -29.23 -14.51 -14.20
CA ASN A 45 -29.75 -15.28 -15.33
C ASN A 45 -29.12 -14.88 -16.66
N VAL A 46 -27.89 -14.38 -16.59
CA VAL A 46 -27.14 -14.00 -17.78
C VAL A 46 -25.80 -14.72 -17.83
N THR A 47 -25.42 -15.19 -19.01
CA THR A 47 -24.17 -15.92 -19.19
C THR A 47 -23.40 -15.42 -20.39
N GLU A 48 -22.13 -15.10 -20.20
CA GLU A 48 -21.28 -14.60 -21.27
C GLU A 48 -19.98 -15.39 -21.40
N ASN A 49 -19.36 -15.33 -22.57
CA ASN A 49 -18.12 -16.04 -22.82
C ASN A 49 -16.89 -15.12 -22.82
N PHE A 50 -16.06 -15.27 -21.80
CA PHE A 50 -14.81 -14.53 -21.71
C PHE A 50 -13.66 -15.32 -22.31
N ASN A 51 -12.68 -14.61 -22.86
CA ASN A 51 -11.46 -15.25 -23.34
C ASN A 51 -10.25 -14.40 -22.99
N MET A 52 -9.64 -14.70 -21.84
CA MET A 52 -8.50 -13.94 -21.34
C MET A 52 -7.32 -13.94 -22.33
N TRP A 53 -7.36 -14.85 -23.29
CA TRP A 53 -6.24 -15.04 -24.21
C TRP A 53 -6.39 -14.23 -25.49
N LYS A 54 -7.59 -13.78 -25.78
CA LYS A 54 -7.83 -12.87 -26.90
C LYS A 54 -8.65 -11.68 -26.42
N ASN A 55 -7.94 -10.70 -25.84
CA ASN A 55 -8.59 -9.56 -25.20
C ASN A 55 -7.83 -8.27 -25.48
N ASP A 56 -8.52 -7.30 -26.07
CA ASP A 56 -7.91 -6.02 -26.43
C ASP A 56 -7.39 -5.27 -25.20
N MET A 57 -8.15 -5.34 -24.12
CA MET A 57 -7.78 -4.66 -22.88
C MET A 57 -6.32 -4.88 -22.53
N VAL A 58 -5.83 -6.10 -22.75
CA VAL A 58 -4.45 -6.45 -22.45
C VAL A 58 -3.46 -5.66 -23.31
N GLU A 59 -3.68 -5.66 -24.62
CA GLU A 59 -2.83 -4.90 -25.53
C GLU A 59 -2.85 -3.43 -25.15
N GLN A 60 -3.98 -2.96 -24.62
CA GLN A 60 -4.12 -1.58 -24.22
C GLN A 60 -3.30 -1.27 -22.97
N MET A 61 -3.35 -2.16 -21.99
CA MET A 61 -2.52 -2.00 -20.79
C MET A 61 -1.06 -2.16 -21.17
N HIS A 62 -0.78 -3.02 -22.14
CA HIS A 62 0.57 -3.25 -22.61
C HIS A 62 1.21 -1.95 -23.09
N GLU A 63 0.52 -1.25 -23.98
CA GLU A 63 1.04 -0.02 -24.57
C GLU A 63 1.25 1.07 -23.52
N ASP A 64 0.36 1.14 -22.54
CA ASP A 64 0.46 2.14 -21.48
C ASP A 64 1.71 1.92 -20.63
N ILE A 65 1.90 0.69 -20.17
CA ILE A 65 3.06 0.35 -19.35
C ILE A 65 4.35 0.64 -20.12
N ILE A 66 4.35 0.28 -21.40
CA ILE A 66 5.47 0.58 -22.28
C ILE A 66 5.73 2.07 -22.31
N SER A 67 4.66 2.85 -22.51
CA SER A 67 4.74 4.30 -22.45
C SER A 67 5.23 4.75 -21.08
N LEU A 68 4.64 4.18 -20.04
CA LEU A 68 5.01 4.49 -18.67
C LEU A 68 6.51 4.31 -18.44
N TRP A 69 7.06 3.22 -18.97
CA TRP A 69 8.49 2.94 -18.83
C TRP A 69 9.34 3.84 -19.71
N ASP A 70 8.78 4.32 -20.80
CA ASP A 70 9.52 5.16 -21.74
C ASP A 70 9.90 6.49 -21.09
N GLU A 71 8.96 7.06 -20.34
CA GLU A 71 9.19 8.32 -19.64
C GLU A 71 9.97 8.10 -18.35
N SER A 72 9.71 6.97 -17.71
CA SER A 72 10.28 6.69 -16.40
C SER A 72 11.68 6.11 -16.48
N LEU A 73 11.77 4.85 -16.91
CA LEU A 73 13.05 4.16 -17.00
C LEU A 73 13.72 4.33 -18.36
N LYS A 74 14.43 5.44 -18.53
CA LYS A 74 15.16 5.70 -19.76
C LYS A 74 16.56 5.10 -19.65
N PRO A 75 16.91 4.21 -20.60
CA PRO A 75 18.22 3.54 -20.56
C PRO A 75 19.34 4.50 -20.97
N CYS A 76 20.54 4.28 -20.44
CA CYS A 76 21.69 5.06 -20.86
C CYS A 76 21.90 4.83 -22.35
N VAL A 77 21.92 3.55 -22.74
CA VAL A 77 22.05 3.17 -24.14
C VAL A 77 20.98 2.16 -24.54
N LYS A 78 20.40 2.36 -25.72
CA LYS A 78 19.37 1.48 -26.25
C LYS A 78 19.80 0.92 -27.60
N LEU A 79 20.34 -0.30 -27.59
CA LEU A 79 20.85 -0.92 -28.81
C LEU A 79 19.81 -1.77 -29.51
N THR A 80 19.38 -1.33 -30.69
CA THR A 80 18.40 -2.06 -31.49
C THR A 80 18.90 -2.33 -32.89
N GLY A 81 19.33 -3.57 -33.13
CA GLY A 81 19.77 -3.99 -34.46
C GLY A 81 20.79 -3.08 -35.11
N GLY A 82 22.00 -3.04 -34.55
CA GLY A 82 23.08 -2.28 -35.14
C GLY A 82 23.09 -0.81 -34.76
N SER A 83 21.91 -0.23 -34.61
CA SER A 83 21.79 1.18 -34.26
C SER A 83 21.69 1.38 -32.75
N ALA A 84 22.34 2.42 -32.25
CA ALA A 84 22.31 2.70 -30.81
C ALA A 84 21.86 4.12 -30.51
N ILE A 85 21.14 4.29 -29.41
CA ILE A 85 20.72 5.61 -28.97
C ILE A 85 21.17 5.87 -27.54
N THR A 86 21.82 7.01 -27.31
CA THR A 86 22.23 7.41 -25.97
C THR A 86 21.33 8.53 -25.46
N GLN A 87 21.20 8.62 -24.14
CA GLN A 87 20.42 9.67 -23.51
C GLN A 87 20.58 9.66 -22.00
N ALA A 88 20.16 10.74 -21.36
CA ALA A 88 20.25 10.85 -19.91
C ALA A 88 19.40 9.76 -19.25
N CYS A 89 20.01 9.08 -18.28
CA CYS A 89 19.32 8.03 -17.52
C CYS A 89 19.47 8.27 -16.01
N PRO A 90 18.78 9.29 -15.50
CA PRO A 90 18.86 9.61 -14.07
C PRO A 90 18.28 8.51 -13.21
N LYS A 91 18.87 8.27 -12.04
CA LYS A 91 18.28 7.37 -11.06
C LYS A 91 17.02 8.03 -10.53
N VAL A 92 16.01 7.23 -10.19
CA VAL A 92 14.70 7.76 -9.84
C VAL A 92 13.92 6.87 -8.87
N SER A 93 12.86 7.43 -8.30
CA SER A 93 11.95 6.66 -7.45
C SER A 93 11.04 5.79 -8.29
N PHE A 94 11.04 4.50 -8.01
CA PHE A 94 10.26 3.54 -8.78
C PHE A 94 9.50 2.59 -7.86
N ASP A 95 8.17 2.59 -7.98
CA ASP A 95 7.31 1.74 -7.17
C ASP A 95 5.88 1.79 -7.69
N PRO A 96 5.48 0.76 -8.46
CA PRO A 96 4.21 0.64 -9.17
C PRO A 96 2.98 1.02 -8.35
N ILE A 97 1.92 1.44 -9.05
CA ILE A 97 0.67 1.86 -8.43
C ILE A 97 -0.49 1.08 -9.02
N PRO A 98 -1.52 0.80 -8.21
CA PRO A 98 -2.73 0.18 -8.76
C PRO A 98 -3.28 1.02 -9.92
N LEU A 99 -3.61 0.38 -11.03
CA LEU A 99 -4.16 1.10 -12.18
C LEU A 99 -5.50 0.53 -12.61
N HIS A 100 -6.55 1.33 -12.46
CA HIS A 100 -7.88 0.95 -12.89
C HIS A 100 -8.10 1.39 -14.33
N TYR A 101 -8.42 0.44 -15.21
CA TYR A 101 -8.77 0.77 -16.59
C TYR A 101 -10.27 0.94 -16.73
N CYS A 102 -10.69 2.06 -17.32
CA CYS A 102 -12.10 2.41 -17.42
C CYS A 102 -12.58 2.51 -18.86
N ALA A 103 -13.89 2.31 -19.04
CA ALA A 103 -14.50 2.38 -20.36
C ALA A 103 -15.18 3.72 -20.60
N PRO A 104 -15.02 4.28 -21.81
CA PRO A 104 -15.61 5.56 -22.20
C PRO A 104 -17.14 5.52 -22.12
N ALA A 105 -17.78 6.66 -22.38
CA ALA A 105 -19.23 6.72 -22.39
C ALA A 105 -19.78 5.89 -23.54
N GLY A 106 -20.87 5.16 -23.28
CA GLY A 106 -21.48 4.31 -24.29
C GLY A 106 -21.05 2.86 -24.13
N PHE A 107 -19.92 2.66 -23.45
CA PHE A 107 -19.42 1.31 -23.19
C PHE A 107 -19.41 0.99 -21.70
N ALA A 108 -19.25 -0.28 -21.38
CA ALA A 108 -19.15 -0.73 -20.00
C ALA A 108 -18.22 -1.95 -19.94
N ILE A 109 -17.92 -2.41 -18.73
CA ILE A 109 -17.08 -3.59 -18.56
C ILE A 109 -17.85 -4.72 -17.89
N LEU A 110 -17.68 -5.94 -18.41
CA LEU A 110 -18.30 -7.11 -17.83
C LEU A 110 -17.34 -7.83 -16.91
N LYS A 111 -17.82 -8.19 -15.71
CA LYS A 111 -16.98 -8.82 -14.71
C LYS A 111 -17.51 -10.18 -14.30
N CYS A 112 -16.70 -11.21 -14.52
CA CYS A 112 -17.06 -12.56 -14.11
C CYS A 112 -16.85 -12.72 -12.61
N ASN A 113 -17.89 -13.19 -11.92
CA ASN A 113 -17.82 -13.33 -10.47
C ASN A 113 -17.67 -14.78 -10.02
N ASN A 114 -17.53 -15.68 -11.00
CA ASN A 114 -17.23 -17.07 -10.69
C ASN A 114 -15.83 -17.17 -10.11
N LYS A 115 -15.75 -17.52 -8.82
CA LYS A 115 -14.47 -17.57 -8.13
C LYS A 115 -13.58 -18.72 -8.60
N THR A 116 -14.12 -19.57 -9.47
CA THR A 116 -13.37 -20.71 -9.98
C THR A 116 -13.06 -20.53 -11.46
N PHE A 117 -13.61 -19.46 -12.05
CA PHE A 117 -13.41 -19.15 -13.46
C PHE A 117 -11.95 -19.28 -13.89
N ASN A 118 -11.71 -20.04 -14.95
CA ASN A 118 -10.35 -20.33 -15.39
C ASN A 118 -9.82 -19.39 -16.48
N GLY A 119 -10.67 -18.49 -16.95
CA GLY A 119 -10.25 -17.50 -17.93
C GLY A 119 -10.85 -17.73 -19.32
N THR A 120 -11.47 -18.88 -19.52
CA THR A 120 -12.07 -19.21 -20.81
C THR A 120 -13.39 -19.95 -20.64
N GLY A 121 -14.28 -19.81 -21.63
CA GLY A 121 -15.57 -20.47 -21.59
C GLY A 121 -16.66 -19.62 -20.99
N PRO A 122 -17.88 -20.18 -20.92
CA PRO A 122 -19.07 -19.49 -20.40
C PRO A 122 -18.89 -18.99 -18.96
N CYS A 123 -19.74 -18.07 -18.54
CA CYS A 123 -19.72 -17.54 -17.17
C CYS A 123 -21.13 -17.16 -16.76
N ARG A 124 -21.75 -18.00 -15.93
CA ARG A 124 -23.16 -17.86 -15.58
C ARG A 124 -23.42 -16.78 -14.52
N ASN A 125 -22.37 -16.07 -14.12
CA ASN A 125 -22.49 -15.04 -13.09
C ASN A 125 -21.67 -13.80 -13.42
N VAL A 126 -22.32 -12.80 -14.00
CA VAL A 126 -21.63 -11.61 -14.50
C VAL A 126 -21.93 -10.37 -13.66
N SER A 127 -21.39 -9.23 -14.08
CA SER A 127 -21.64 -7.95 -13.40
C SER A 127 -21.19 -6.79 -14.29
N THR A 128 -21.34 -5.56 -13.81
CA THR A 128 -21.02 -4.39 -14.62
C THR A 128 -20.38 -3.24 -13.84
N VAL A 129 -19.30 -2.70 -14.38
CA VAL A 129 -18.64 -1.54 -13.81
C VAL A 129 -18.02 -0.68 -14.91
N GLN A 130 -17.53 0.49 -14.52
CA GLN A 130 -16.90 1.41 -15.46
C GLN A 130 -15.40 1.25 -15.42
N CYS A 131 -14.88 0.86 -14.26
CA CYS A 131 -13.44 0.73 -14.06
C CYS A 131 -13.09 -0.62 -13.43
N THR A 132 -11.92 -1.14 -13.81
CA THR A 132 -11.42 -2.38 -13.23
C THR A 132 -10.90 -2.11 -11.82
N HIS A 133 -10.42 -3.16 -11.16
CA HIS A 133 -9.81 -3.00 -9.85
C HIS A 133 -8.38 -2.48 -10.00
N GLY A 134 -7.80 -2.00 -8.90
CA GLY A 134 -6.45 -1.49 -8.92
C GLY A 134 -5.45 -2.55 -9.32
N ILE A 135 -4.75 -2.31 -10.44
CA ILE A 135 -3.78 -3.27 -10.95
C ILE A 135 -2.37 -2.69 -11.02
N LYS A 136 -1.50 -3.17 -10.14
CA LYS A 136 -0.10 -2.74 -10.17
C LYS A 136 0.61 -3.32 -11.39
N PRO A 137 1.14 -2.42 -12.25
CA PRO A 137 1.84 -2.81 -13.48
C PRO A 137 3.22 -3.40 -13.19
N VAL A 138 3.23 -4.57 -12.56
CA VAL A 138 4.49 -5.20 -12.14
C VAL A 138 5.07 -6.07 -13.25
N VAL A 139 6.26 -5.69 -13.70
CA VAL A 139 6.96 -6.45 -14.73
C VAL A 139 7.94 -7.45 -14.10
N SER A 140 7.69 -8.73 -14.33
CA SER A 140 8.56 -9.78 -13.81
C SER A 140 8.33 -11.11 -14.53
N THR A 141 9.24 -12.05 -14.36
CA THR A 141 9.14 -13.36 -15.00
C THR A 141 9.08 -14.50 -13.99
N GLN A 142 8.54 -15.64 -14.41
CA GLN A 142 8.48 -16.85 -13.60
C GLN A 142 7.49 -16.73 -12.43
N LEU A 143 7.56 -15.62 -11.71
CA LEU A 143 6.69 -15.39 -10.56
C LEU A 143 5.91 -14.09 -10.73
N LEU A 144 4.61 -14.15 -10.49
CA LEU A 144 3.78 -12.95 -10.52
C LEU A 144 3.75 -12.32 -9.13
N LEU A 145 4.10 -11.05 -9.05
CA LEU A 145 4.26 -10.38 -7.76
C LEU A 145 3.18 -9.32 -7.52
N ASN A 146 2.76 -9.19 -6.26
CA ASN A 146 1.84 -8.14 -5.85
C ASN A 146 0.54 -8.08 -6.66
N GLY A 147 0.04 -9.23 -7.07
CA GLY A 147 -1.23 -9.30 -7.76
C GLY A 147 -2.36 -9.60 -6.79
N SER A 148 -3.50 -10.04 -7.31
CA SER A 148 -4.60 -10.48 -6.44
C SER A 148 -4.57 -11.99 -6.31
N LEU A 149 -5.28 -12.51 -5.32
CA LEU A 149 -5.29 -13.95 -5.07
C LEU A 149 -6.61 -14.57 -5.48
N ALA A 150 -6.60 -15.90 -5.63
CA ALA A 150 -7.84 -16.63 -5.85
C ALA A 150 -8.59 -16.73 -4.53
N GLU A 151 -9.85 -16.29 -4.53
CA GLU A 151 -10.62 -16.22 -3.29
C GLU A 151 -10.96 -17.58 -2.70
N GLU A 152 -10.94 -18.62 -3.53
CA GLU A 152 -11.25 -19.96 -3.07
C GLU A 152 -10.08 -20.93 -3.22
N GLU A 153 -10.04 -21.63 -4.35
CA GLU A 153 -9.00 -22.62 -4.60
C GLU A 153 -7.97 -22.10 -5.60
N ILE A 154 -6.97 -22.92 -5.90
CA ILE A 154 -5.96 -22.57 -6.89
C ILE A 154 -6.48 -22.79 -8.31
N ILE A 155 -6.42 -21.74 -9.13
CA ILE A 155 -6.87 -21.81 -10.51
C ILE A 155 -5.70 -21.99 -11.47
N ILE A 156 -5.88 -22.83 -12.48
CA ILE A 156 -4.87 -23.04 -13.51
C ILE A 156 -5.36 -22.54 -14.86
N ARG A 157 -4.64 -21.59 -15.44
CA ARG A 157 -5.08 -20.93 -16.66
C ARG A 157 -4.12 -21.17 -17.83
N SER A 158 -4.64 -21.76 -18.90
CA SER A 158 -3.87 -21.96 -20.12
C SER A 158 -4.78 -21.95 -21.33
N GLU A 159 -4.36 -21.26 -22.39
CA GLU A 159 -5.12 -21.23 -23.64
C GLU A 159 -5.31 -22.63 -24.18
N ASN A 160 -4.36 -23.50 -23.89
CA ASN A 160 -4.43 -24.91 -24.27
C ASN A 160 -3.49 -25.76 -23.41
N LEU A 161 -4.08 -26.59 -22.56
CA LEU A 161 -3.30 -27.41 -21.63
C LEU A 161 -2.48 -28.48 -22.35
N THR A 162 -3.05 -29.04 -23.42
CA THR A 162 -2.42 -30.14 -24.13
C THR A 162 -1.32 -29.68 -25.09
N ASN A 163 -1.27 -28.38 -25.35
CA ASN A 163 -0.17 -27.79 -26.11
C ASN A 163 0.89 -27.25 -25.17
N ASN A 164 1.98 -27.99 -25.02
CA ASN A 164 3.03 -27.67 -24.05
C ASN A 164 3.68 -26.31 -24.26
N ALA A 165 3.42 -25.71 -25.43
CA ALA A 165 4.03 -24.42 -25.77
C ALA A 165 3.23 -23.25 -25.20
N LYS A 166 1.96 -23.49 -24.88
CA LYS A 166 1.12 -22.45 -24.29
C LYS A 166 1.46 -22.24 -22.81
N THR A 167 1.57 -20.97 -22.42
CA THR A 167 1.97 -20.63 -21.06
C THR A 167 0.89 -20.95 -20.03
N ILE A 168 1.28 -21.64 -18.97
CA ILE A 168 0.37 -21.96 -17.87
C ILE A 168 0.43 -20.87 -16.80
N ILE A 169 -0.73 -20.34 -16.44
CA ILE A 169 -0.82 -19.33 -15.39
C ILE A 169 -1.45 -19.91 -14.14
N VAL A 170 -0.65 -20.09 -13.10
CA VAL A 170 -1.16 -20.58 -11.83
C VAL A 170 -1.51 -19.42 -10.91
N HIS A 171 -2.79 -19.32 -10.57
CA HIS A 171 -3.26 -18.25 -9.68
C HIS A 171 -3.36 -18.76 -8.25
N LEU A 172 -2.41 -18.37 -7.41
CA LEU A 172 -2.36 -18.83 -6.03
C LEU A 172 -3.52 -18.27 -5.21
N ASN A 173 -3.99 -19.05 -4.25
CA ASN A 173 -5.03 -18.60 -3.33
C ASN A 173 -4.43 -18.09 -2.02
N GLU A 174 -3.16 -18.41 -1.80
CA GLU A 174 -2.42 -17.90 -0.66
C GLU A 174 -1.05 -17.42 -1.12
N SER A 175 -0.63 -16.24 -0.66
CA SER A 175 0.59 -15.63 -1.14
C SER A 175 1.85 -16.11 -0.41
N VAL A 176 2.93 -16.29 -1.16
CA VAL A 176 4.23 -16.61 -0.59
C VAL A 176 5.07 -15.34 -0.55
N ASN A 177 5.55 -14.98 0.63
CA ASN A 177 6.36 -13.78 0.78
C ASN A 177 7.79 -13.96 0.26
N ILE A 178 8.30 -12.93 -0.41
CA ILE A 178 9.66 -12.95 -0.91
C ILE A 178 10.39 -11.65 -0.62
N VAL A 179 11.63 -11.76 -0.15
CA VAL A 179 12.40 -10.58 0.25
C VAL A 179 13.77 -10.57 -0.42
N CYS A 180 13.91 -9.73 -1.45
CA CYS A 180 15.18 -9.58 -2.16
C CYS A 180 15.93 -8.37 -1.65
N THR A 181 17.23 -8.52 -1.38
CA THR A 181 18.04 -7.43 -0.84
C THR A 181 19.44 -7.37 -1.44
N ARG A 182 19.90 -6.14 -1.67
CA ARG A 182 21.31 -5.89 -1.97
C ARG A 182 21.88 -5.19 -0.74
N PRO A 183 22.51 -5.96 0.15
CA PRO A 183 23.02 -5.40 1.41
C PRO A 183 23.89 -4.17 1.16
N ASN A 184 24.15 -3.41 2.21
CA ASN A 184 24.96 -2.19 2.09
C ASN A 184 26.11 -2.34 1.10
N ASN A 193 30.34 -7.74 -3.17
CA ASN A 193 30.05 -7.28 -4.53
C ASN A 193 28.89 -6.30 -4.55
N ILE A 194 29.07 -5.19 -5.25
CA ILE A 194 28.07 -4.13 -5.28
C ILE A 194 26.82 -4.56 -6.03
N ARG A 195 26.99 -5.46 -7.00
CA ARG A 195 25.89 -5.89 -7.84
C ARG A 195 25.33 -7.24 -7.39
N GLN A 196 25.68 -7.64 -6.17
CA GLN A 196 25.26 -8.93 -5.65
C GLN A 196 24.04 -8.76 -4.74
N ALA A 197 23.10 -9.69 -4.85
CA ALA A 197 21.88 -9.65 -4.05
C ALA A 197 21.32 -11.06 -3.81
N HIS A 198 20.27 -11.14 -3.00
CA HIS A 198 19.65 -12.43 -2.71
C HIS A 198 18.20 -12.29 -2.25
N CYS A 199 17.40 -13.31 -2.53
CA CYS A 199 15.99 -13.31 -2.13
C CYS A 199 15.69 -14.50 -1.22
N ASN A 200 14.98 -14.23 -0.13
CA ASN A 200 14.65 -15.26 0.83
C ASN A 200 13.18 -15.67 0.82
N ILE A 201 12.94 -16.97 0.82
CA ILE A 201 11.59 -17.51 0.86
C ILE A 201 11.51 -18.62 1.91
N ASN A 202 10.46 -18.57 2.73
CA ASN A 202 10.23 -19.62 3.72
C ASN A 202 9.80 -20.94 3.06
N GLU A 203 10.66 -21.95 3.19
CA GLU A 203 10.41 -23.24 2.55
C GLU A 203 9.05 -23.82 2.90
N SER A 204 8.75 -23.88 4.20
CA SER A 204 7.50 -24.48 4.67
C SER A 204 6.28 -23.94 3.92
N LYS A 205 6.30 -22.65 3.62
CA LYS A 205 5.20 -22.02 2.90
C LYS A 205 5.30 -22.21 1.39
N TRP A 206 6.53 -22.34 0.88
CA TRP A 206 6.72 -22.67 -0.52
C TRP A 206 6.37 -24.13 -0.75
N ASN A 207 6.45 -24.90 0.32
CA ASN A 207 6.11 -26.32 0.28
C ASN A 207 4.60 -26.51 0.14
N ASN A 208 3.86 -25.96 1.10
CA ASN A 208 2.39 -25.96 1.02
C ASN A 208 1.93 -25.54 -0.37
N THR A 209 2.48 -24.43 -0.85
CA THR A 209 2.17 -23.90 -2.17
C THR A 209 2.27 -24.97 -3.26
N LEU A 210 3.47 -25.48 -3.51
CA LEU A 210 3.70 -26.41 -4.61
C LEU A 210 2.95 -27.74 -4.46
N GLN A 211 2.52 -28.06 -3.25
CA GLN A 211 1.71 -29.26 -3.05
C GLN A 211 0.32 -29.02 -3.59
N LYS A 212 -0.30 -27.93 -3.14
CA LYS A 212 -1.61 -27.52 -3.65
C LYS A 212 -1.57 -27.41 -5.17
N VAL A 213 -0.55 -26.73 -5.67
CA VAL A 213 -0.37 -26.55 -7.11
C VAL A 213 -0.16 -27.90 -7.80
N GLY A 214 0.64 -28.76 -7.18
CA GLY A 214 0.87 -30.09 -7.71
C GLY A 214 -0.42 -30.87 -7.86
N GLU A 215 -1.25 -30.84 -6.82
CA GLU A 215 -2.54 -31.51 -6.85
C GLU A 215 -3.44 -30.94 -7.94
N GLU A 216 -3.58 -29.62 -7.95
CA GLU A 216 -4.41 -28.95 -8.96
C GLU A 216 -3.96 -29.29 -10.38
N LEU A 217 -2.67 -29.52 -10.56
CA LEU A 217 -2.15 -29.95 -11.86
C LEU A 217 -2.50 -31.40 -12.13
N ALA A 218 -2.41 -32.24 -11.10
CA ALA A 218 -2.72 -33.66 -11.23
C ALA A 218 -4.16 -33.86 -11.72
N LYS A 219 -5.05 -32.96 -11.30
CA LYS A 219 -6.45 -33.05 -11.67
C LYS A 219 -6.66 -32.71 -13.14
N HIS A 220 -5.59 -32.26 -13.79
CA HIS A 220 -5.62 -31.98 -15.22
C HIS A 220 -4.72 -32.94 -16.00
N PHE A 221 -4.27 -33.99 -15.33
CA PHE A 221 -3.37 -34.98 -15.94
C PHE A 221 -3.63 -36.39 -15.44
N PRO A 222 -3.41 -37.39 -16.32
CA PRO A 222 -3.58 -38.82 -16.03
C PRO A 222 -2.68 -39.32 -14.90
N SER A 223 -2.86 -38.77 -13.71
CA SER A 223 -2.06 -39.15 -12.54
C SER A 223 -0.62 -39.56 -12.87
N LYS A 224 0.06 -38.76 -13.70
CA LYS A 224 1.47 -39.01 -14.00
C LYS A 224 2.31 -38.33 -12.93
N THR A 225 3.61 -38.61 -12.93
CA THR A 225 4.52 -37.92 -12.03
C THR A 225 4.62 -36.47 -12.45
N ILE A 226 4.60 -35.57 -11.47
CA ILE A 226 4.63 -34.14 -11.76
C ILE A 226 5.87 -33.47 -11.18
N LYS A 227 6.88 -33.27 -12.02
CA LYS A 227 8.16 -32.71 -11.58
C LYS A 227 8.27 -31.23 -11.94
N PHE A 228 8.94 -30.47 -11.08
CA PHE A 228 9.23 -29.06 -11.34
C PHE A 228 10.74 -28.87 -11.50
N GLU A 229 11.14 -28.20 -12.58
CA GLU A 229 12.55 -28.01 -12.88
C GLU A 229 12.85 -26.58 -13.35
N PRO A 230 14.10 -26.12 -13.15
CA PRO A 230 14.51 -24.79 -13.63
C PRO A 230 14.31 -24.65 -15.13
N SER A 231 14.11 -23.42 -15.59
CA SER A 231 13.88 -23.15 -17.00
C SER A 231 14.97 -23.80 -17.86
N SER A 232 14.55 -24.53 -18.90
CA SER A 232 15.48 -25.26 -19.75
C SER A 232 16.67 -24.41 -20.22
N GLY A 233 16.38 -23.28 -20.83
CA GLY A 233 17.42 -22.39 -21.32
C GLY A 233 16.89 -21.18 -22.05
N GLY A 234 17.78 -20.27 -22.41
CA GLY A 234 17.40 -19.05 -23.10
C GLY A 234 17.96 -17.80 -22.43
N ASP A 235 17.34 -16.66 -22.70
CA ASP A 235 17.79 -15.39 -22.14
C ASP A 235 17.67 -15.38 -20.61
N LEU A 236 18.58 -14.65 -19.96
CA LEU A 236 18.59 -14.58 -18.50
C LEU A 236 17.27 -14.07 -17.93
N GLU A 237 16.61 -13.19 -18.68
CA GLU A 237 15.34 -12.64 -18.25
C GLU A 237 14.31 -13.74 -18.03
N ILE A 238 14.44 -14.83 -18.77
CA ILE A 238 13.46 -15.91 -18.73
C ILE A 238 13.95 -17.13 -17.95
N THR A 239 15.24 -17.40 -17.99
CA THR A 239 15.81 -18.53 -17.27
C THR A 239 15.92 -18.24 -15.78
N THR A 240 15.63 -17.00 -15.41
CA THR A 240 15.68 -16.58 -14.01
C THR A 240 14.44 -15.77 -13.65
N HIS A 241 14.16 -15.67 -12.35
CA HIS A 241 13.13 -14.74 -11.89
C HIS A 241 13.71 -13.34 -11.90
N SER A 242 13.29 -12.53 -12.87
CA SER A 242 13.77 -11.17 -12.99
C SER A 242 12.64 -10.18 -12.75
N PHE A 243 13.00 -9.02 -12.22
CA PHE A 243 12.02 -8.01 -11.83
C PHE A 243 12.74 -6.70 -11.54
N ASN A 244 11.97 -5.65 -11.28
CA ASN A 244 12.57 -4.36 -10.96
C ASN A 244 12.29 -3.93 -9.53
N CYS A 245 13.36 -3.57 -8.81
CA CYS A 245 13.25 -3.09 -7.44
C CYS A 245 13.91 -1.71 -7.31
N ARG A 246 13.10 -0.70 -7.03
CA ARG A 246 13.59 0.67 -6.89
C ARG A 246 14.45 1.11 -8.07
N GLY A 247 14.09 0.66 -9.27
CA GLY A 247 14.76 1.08 -10.48
C GLY A 247 15.87 0.15 -10.94
N GLU A 248 16.26 -0.77 -10.05
CA GLU A 248 17.33 -1.71 -10.34
C GLU A 248 16.77 -3.04 -10.84
N PHE A 249 17.39 -3.60 -11.88
CA PHE A 249 16.92 -4.84 -12.48
C PHE A 249 17.56 -6.07 -11.82
N PHE A 250 16.76 -6.81 -11.07
CA PHE A 250 17.23 -8.00 -10.38
C PHE A 250 17.07 -9.24 -11.24
N TYR A 251 18.11 -10.05 -11.31
CA TYR A 251 18.04 -11.37 -11.93
C TYR A 251 18.36 -12.43 -10.89
N CYS A 252 17.32 -13.05 -10.36
CA CYS A 252 17.46 -14.00 -9.26
C CYS A 252 17.41 -15.45 -9.72
N ASN A 253 18.46 -16.19 -9.39
CA ASN A 253 18.54 -17.61 -9.72
C ASN A 253 17.48 -18.42 -8.98
N THR A 254 16.70 -19.19 -9.73
CA THR A 254 15.54 -19.88 -9.18
C THR A 254 15.68 -21.41 -9.17
N SER A 255 16.91 -21.89 -9.30
CA SER A 255 17.16 -23.32 -9.44
C SER A 255 16.93 -24.11 -8.14
N ASP A 256 16.79 -23.40 -7.03
CA ASP A 256 16.51 -24.04 -5.74
C ASP A 256 15.04 -23.86 -5.37
N LEU A 257 14.27 -23.32 -6.29
CA LEU A 257 12.86 -23.03 -6.05
C LEU A 257 11.96 -24.01 -6.80
N PHE A 258 12.08 -24.02 -8.12
CA PHE A 258 11.34 -24.97 -8.94
C PHE A 258 12.14 -26.27 -9.05
N ASN A 259 12.29 -26.95 -7.92
CA ASN A 259 13.11 -28.15 -7.84
C ASN A 259 12.48 -29.17 -6.90
N GLY A 260 11.60 -30.01 -7.45
CA GLY A 260 10.91 -31.01 -6.67
C GLY A 260 9.89 -31.82 -7.46
N THR A 261 9.56 -33.01 -6.97
CA THR A 261 8.58 -33.88 -7.61
C THR A 261 7.43 -34.17 -6.65
N TYR A 262 6.21 -34.22 -7.18
CA TYR A 262 5.03 -34.38 -6.33
C TYR A 262 4.02 -35.40 -6.88
N ARG A 263 4.33 -36.67 -6.66
CA ARG A 263 3.48 -37.76 -7.11
C ARG A 263 2.93 -38.55 -5.93
N ASN A 264 1.69 -39.01 -6.04
CA ASN A 264 1.02 -39.74 -4.95
C ASN A 264 0.63 -38.84 -3.79
N GLY A 265 0.24 -37.61 -4.11
CA GLY A 265 -0.14 -36.64 -3.10
C GLY A 265 1.02 -36.22 -2.23
N THR A 266 2.21 -36.71 -2.55
CA THR A 266 3.41 -36.43 -1.76
C THR A 266 4.11 -35.17 -2.26
N TYR A 267 4.94 -34.59 -1.40
CA TYR A 267 5.68 -33.39 -1.73
C TYR A 267 7.15 -33.51 -1.34
N ASN A 268 8.03 -33.40 -2.33
CA ASN A 268 9.47 -33.45 -2.07
C ASN A 268 10.21 -32.31 -2.78
N HIS A 269 11.09 -31.63 -2.05
CA HIS A 269 11.76 -30.43 -2.55
C HIS A 269 13.28 -30.52 -2.38
N THR A 270 14.00 -29.52 -2.87
CA THR A 270 15.46 -29.51 -2.77
C THR A 270 16.01 -28.09 -2.68
N GLY A 271 17.13 -27.93 -1.96
CA GLY A 271 17.85 -26.67 -1.92
C GLY A 271 17.46 -25.79 -0.75
N ARG A 272 17.73 -26.26 0.47
CA ARG A 272 17.29 -25.57 1.67
C ARG A 272 18.47 -25.06 2.50
N SER A 273 18.19 -24.16 3.44
CA SER A 273 19.21 -23.63 4.34
C SER A 273 18.83 -23.81 5.81
N SER A 274 19.82 -23.65 6.68
CA SER A 274 19.67 -23.93 8.11
C SER A 274 18.40 -23.36 8.74
N ASN A 275 18.16 -22.07 8.55
CA ASN A 275 17.00 -21.42 9.14
C ASN A 275 15.68 -21.95 8.56
N GLY A 276 15.79 -22.87 7.62
CA GLY A 276 14.63 -23.47 6.99
C GLY A 276 14.04 -22.56 5.93
N THR A 277 14.90 -21.85 5.22
CA THR A 277 14.46 -20.90 4.20
C THR A 277 15.28 -21.01 2.92
N ILE A 278 14.60 -20.85 1.78
CA ILE A 278 15.26 -20.92 0.48
C ILE A 278 15.91 -19.58 0.13
N THR A 279 17.18 -19.63 -0.24
CA THR A 279 17.89 -18.42 -0.66
C THR A 279 18.16 -18.42 -2.16
N LEU A 280 17.93 -17.29 -2.80
CA LEU A 280 18.18 -17.14 -4.23
C LEU A 280 19.31 -16.15 -4.47
N GLN A 281 20.35 -16.60 -5.17
CA GLN A 281 21.45 -15.71 -5.52
C GLN A 281 21.02 -14.80 -6.67
N CYS A 282 21.22 -13.50 -6.48
CA CYS A 282 20.78 -12.52 -7.47
C CYS A 282 21.92 -11.66 -8.00
N LYS A 283 21.74 -11.17 -9.23
CA LYS A 283 22.63 -10.17 -9.80
C LYS A 283 21.81 -8.98 -10.25
N ILE A 284 22.29 -7.78 -9.95
CA ILE A 284 21.70 -6.56 -10.49
C ILE A 284 22.42 -6.21 -11.78
N LYS A 285 21.72 -6.33 -12.89
CA LYS A 285 22.35 -6.20 -14.21
C LYS A 285 22.20 -4.82 -14.83
N GLN A 286 23.20 -4.43 -15.62
CA GLN A 286 23.16 -3.16 -16.34
C GLN A 286 22.71 -3.38 -17.78
N ILE A 287 23.07 -4.53 -18.34
CA ILE A 287 22.66 -4.89 -19.69
C ILE A 287 21.47 -5.85 -19.64
N ILE A 288 20.34 -5.40 -20.17
CA ILE A 288 19.13 -6.21 -20.16
C ILE A 288 18.53 -6.34 -21.55
N ASN A 289 17.80 -7.42 -21.77
CA ASN A 289 17.00 -7.57 -22.98
C ASN A 289 15.61 -7.01 -22.71
N MET A 290 15.17 -6.08 -23.55
CA MET A 290 13.90 -5.39 -23.33
C MET A 290 12.68 -6.28 -23.54
N TRP A 291 11.66 -6.06 -22.72
CA TRP A 291 10.40 -6.79 -22.83
C TRP A 291 9.41 -6.00 -23.68
N GLN A 292 9.70 -4.71 -23.85
CA GLN A 292 8.83 -3.84 -24.64
C GLN A 292 9.04 -4.07 -26.12
N GLU A 293 10.30 -4.14 -26.54
CA GLU A 293 10.66 -4.35 -27.94
C GLU A 293 11.83 -5.33 -28.04
N VAL A 294 12.14 -5.76 -29.25
CA VAL A 294 13.36 -6.53 -29.48
C VAL A 294 14.54 -5.57 -29.53
N GLY A 295 15.28 -5.50 -28.44
CA GLY A 295 16.41 -4.61 -28.34
C GLY A 295 17.02 -4.64 -26.95
N ARG A 296 18.32 -4.38 -26.87
CA ARG A 296 19.02 -4.39 -25.60
C ARG A 296 19.06 -2.98 -24.99
N ALA A 297 18.97 -2.92 -23.67
CA ALA A 297 19.02 -1.66 -22.94
C ALA A 297 20.11 -1.67 -21.86
N ILE A 298 20.88 -0.60 -21.79
CA ILE A 298 21.97 -0.50 -20.83
C ILE A 298 21.67 0.61 -19.81
N TYR A 299 21.81 0.29 -18.53
CA TYR A 299 21.52 1.23 -17.46
C TYR A 299 22.75 1.56 -16.63
N ALA A 300 22.60 2.52 -15.72
CA ALA A 300 23.67 2.94 -14.83
C ALA A 300 23.85 1.94 -13.70
N PRO A 301 25.06 1.89 -13.11
CA PRO A 301 25.36 1.04 -11.96
C PRO A 301 24.37 1.30 -10.82
N PRO A 302 24.23 0.34 -9.89
CA PRO A 302 23.24 0.43 -8.81
C PRO A 302 23.46 1.63 -7.90
N ILE A 303 22.38 2.16 -7.34
CA ILE A 303 22.47 3.22 -6.33
C ILE A 303 23.12 2.67 -5.08
N GLU A 304 23.34 3.54 -4.09
CA GLU A 304 23.98 3.12 -2.84
C GLU A 304 22.97 2.84 -1.72
N GLY A 305 23.39 2.07 -0.73
CA GLY A 305 22.55 1.75 0.40
C GLY A 305 21.82 0.43 0.23
N GLU A 306 21.01 0.07 1.21
CA GLU A 306 20.22 -1.15 1.15
C GLU A 306 19.14 -1.08 0.07
N ILE A 307 19.29 -1.89 -0.98
CA ILE A 307 18.25 -2.02 -2.00
C ILE A 307 17.44 -3.28 -1.76
N THR A 308 16.33 -3.15 -1.04
CA THR A 308 15.52 -4.30 -0.68
C THR A 308 14.08 -4.19 -1.19
N CYS A 309 13.50 -5.32 -1.56
CA CYS A 309 12.11 -5.36 -1.99
C CYS A 309 11.34 -6.48 -1.30
N ASN A 310 10.26 -6.11 -0.61
CA ASN A 310 9.41 -7.09 0.05
C ASN A 310 8.09 -7.26 -0.72
N SER A 311 7.94 -8.40 -1.39
CA SER A 311 6.80 -8.61 -2.25
C SER A 311 6.06 -9.90 -1.91
N ASN A 312 4.85 -10.03 -2.44
CA ASN A 312 4.06 -11.25 -2.28
C ASN A 312 3.89 -11.98 -3.61
N ILE A 313 4.34 -13.22 -3.65
CA ILE A 313 4.12 -14.07 -4.82
C ILE A 313 2.67 -14.52 -4.83
N THR A 314 1.94 -14.16 -5.88
CA THR A 314 0.51 -14.44 -5.96
C THR A 314 0.15 -15.33 -7.14
N GLY A 315 1.15 -15.67 -7.96
CA GLY A 315 0.91 -16.49 -9.13
C GLY A 315 2.19 -16.95 -9.81
N LEU A 316 2.10 -18.05 -10.55
CA LEU A 316 3.26 -18.60 -11.26
C LEU A 316 3.00 -18.66 -12.76
N LEU A 317 4.09 -18.62 -13.53
CA LEU A 317 4.02 -18.85 -14.97
C LEU A 317 4.81 -20.10 -15.29
N LEU A 318 4.12 -21.12 -15.79
CA LEU A 318 4.76 -22.42 -16.03
C LEU A 318 4.81 -22.81 -17.51
N LEU A 319 5.53 -23.90 -17.77
CA LEU A 319 5.64 -24.44 -19.12
C LEU A 319 5.93 -25.94 -19.07
N ARG A 320 4.93 -26.74 -19.40
CA ARG A 320 5.10 -28.19 -19.47
C ARG A 320 6.06 -28.52 -20.60
N ASP A 321 6.74 -29.66 -20.50
CA ASP A 321 7.69 -30.09 -21.51
C ASP A 321 7.01 -30.91 -22.60
N GLY A 322 5.90 -31.55 -22.24
CA GLY A 322 5.15 -32.37 -23.18
C GLY A 322 6.04 -33.37 -23.89
N GLY A 323 5.73 -33.61 -25.17
CA GLY A 323 6.50 -34.56 -25.97
C GLY A 323 5.70 -35.82 -26.28
N GLN A 324 5.90 -36.33 -27.49
CA GLN A 324 5.21 -37.54 -27.93
C GLN A 324 5.83 -38.78 -27.30
N ASN A 329 6.48 -40.20 -20.82
CA ASN A 329 5.74 -41.31 -20.25
C ASN A 329 5.79 -41.36 -18.73
N ASP A 330 4.63 -41.25 -18.10
CA ASP A 330 4.48 -41.37 -16.65
C ASP A 330 5.10 -40.22 -15.85
N THR A 331 5.59 -39.19 -16.55
CA THR A 331 6.19 -38.06 -15.86
C THR A 331 6.13 -36.75 -16.65
N GLU A 332 5.29 -35.84 -16.18
CA GLU A 332 5.20 -34.50 -16.77
C GLU A 332 6.07 -33.53 -15.98
N THR A 333 6.86 -32.73 -16.68
CA THR A 333 7.71 -31.75 -16.03
C THR A 333 7.30 -30.32 -16.41
N PHE A 334 7.29 -29.43 -15.42
CA PHE A 334 6.99 -28.03 -15.66
C PHE A 334 8.20 -27.18 -15.29
N ARG A 335 8.42 -26.10 -16.05
CA ARG A 335 9.52 -25.19 -15.78
C ARG A 335 9.00 -23.76 -15.74
N PRO A 336 9.62 -22.91 -14.90
CA PRO A 336 9.20 -21.51 -14.84
C PRO A 336 9.33 -20.86 -16.22
N GLY A 337 8.47 -19.89 -16.51
CA GLY A 337 8.47 -19.25 -17.80
C GLY A 337 8.31 -17.74 -17.71
N GLY A 338 7.59 -17.18 -18.66
CA GLY A 338 7.40 -15.74 -18.72
C GLY A 338 8.17 -15.12 -19.87
N GLY A 339 8.25 -13.80 -19.88
CA GLY A 339 8.91 -13.07 -20.94
C GLY A 339 7.94 -12.13 -21.65
N ASP A 340 6.82 -12.69 -22.09
CA ASP A 340 5.78 -11.88 -22.72
C ASP A 340 4.89 -11.27 -21.63
N MET A 341 5.14 -10.01 -21.32
CA MET A 341 4.48 -9.34 -20.20
C MET A 341 2.95 -9.32 -20.31
N ARG A 342 2.42 -9.61 -21.49
CA ARG A 342 0.98 -9.65 -21.67
C ARG A 342 0.34 -10.67 -20.72
N ASP A 343 1.05 -11.77 -20.48
CA ASP A 343 0.58 -12.81 -19.56
C ASP A 343 0.44 -12.25 -18.15
N ASN A 344 1.34 -11.35 -17.79
CA ASN A 344 1.33 -10.75 -16.46
C ASN A 344 0.07 -9.94 -16.20
N TRP A 345 -0.70 -9.70 -17.26
CA TRP A 345 -1.86 -8.81 -17.17
C TRP A 345 -3.15 -9.53 -17.53
N ARG A 346 -3.01 -10.67 -18.19
CA ARG A 346 -4.15 -11.57 -18.38
C ARG A 346 -4.50 -12.16 -17.03
N SER A 347 -3.50 -12.24 -16.16
CA SER A 347 -3.66 -12.82 -14.83
C SER A 347 -4.45 -11.90 -13.90
N GLU A 348 -4.73 -10.68 -14.37
CA GLU A 348 -5.49 -9.72 -13.59
C GLU A 348 -6.68 -9.21 -14.39
N LEU A 349 -6.65 -9.42 -15.70
CA LEU A 349 -7.71 -8.95 -16.59
C LEU A 349 -8.58 -10.11 -17.09
N TYR A 350 -8.40 -11.28 -16.49
CA TYR A 350 -9.20 -12.44 -16.87
C TYR A 350 -10.65 -12.25 -16.47
N LYS A 351 -10.87 -11.41 -15.45
CA LYS A 351 -12.22 -11.16 -14.95
C LYS A 351 -13.00 -10.16 -15.82
N TYR A 352 -12.31 -9.50 -16.74
CA TYR A 352 -12.92 -8.38 -17.46
C TYR A 352 -13.07 -8.59 -18.97
N LYS A 353 -14.07 -7.92 -19.52
CA LYS A 353 -14.34 -7.93 -20.95
C LYS A 353 -15.11 -6.68 -21.32
N VAL A 354 -14.63 -5.97 -22.35
CA VAL A 354 -15.29 -4.75 -22.77
C VAL A 354 -16.55 -5.04 -23.58
N VAL A 355 -17.64 -4.37 -23.23
CA VAL A 355 -18.92 -4.58 -23.88
C VAL A 355 -19.51 -3.26 -24.36
N GLU A 356 -20.28 -3.32 -25.45
CA GLU A 356 -20.95 -2.15 -25.98
C GLU A 356 -22.39 -2.11 -25.45
N ILE A 357 -22.74 -1.03 -24.77
CA ILE A 357 -24.08 -0.88 -24.20
C ILE A 357 -25.10 -0.68 -25.33
N LYS A 358 -24.61 -0.71 -26.56
CA LYS A 358 -25.44 -0.53 -27.74
C LYS A 358 -26.54 -1.58 -27.81
N VAL B 1 30.14 19.28 16.69
CA VAL B 1 29.56 20.62 16.63
C VAL B 1 28.04 20.55 16.43
N TRP B 2 27.34 19.96 17.39
CA TRP B 2 25.89 19.85 17.35
C TRP B 2 25.31 19.57 18.72
N LYS B 3 24.07 19.98 18.94
CA LYS B 3 23.43 19.83 20.24
C LYS B 3 21.91 19.89 20.14
N GLU B 4 21.28 20.44 21.18
CA GLU B 4 19.82 20.54 21.22
C GLU B 4 19.39 21.98 21.46
N ALA B 5 18.85 22.63 20.44
CA ALA B 5 18.47 24.03 20.52
C ALA B 5 17.10 24.30 19.93
N LYS B 6 16.41 25.31 20.45
CA LYS B 6 15.09 25.68 19.98
C LYS B 6 15.13 26.86 19.02
N THR B 7 14.60 26.65 17.82
CA THR B 7 14.52 27.71 16.82
C THR B 7 13.21 27.60 16.04
N THR B 8 12.72 28.74 15.57
CA THR B 8 11.45 28.78 14.84
C THR B 8 11.62 28.26 13.41
N LEU B 9 10.91 27.18 13.10
CA LEU B 9 10.97 26.57 11.77
C LEU B 9 10.04 27.25 10.79
N PHE B 10 10.11 26.83 9.53
CA PHE B 10 9.23 27.35 8.49
C PHE B 10 8.79 26.21 7.56
N CYS B 11 7.57 26.31 7.04
CA CYS B 11 6.99 25.25 6.24
C CYS B 11 7.25 25.42 4.74
N ALA B 12 7.37 24.29 4.05
CA ALA B 12 7.54 24.28 2.59
C ALA B 12 6.67 23.18 1.99
N SER B 13 5.98 23.50 0.89
CA SER B 13 5.05 22.55 0.28
C SER B 13 5.00 22.64 -1.24
N ASP B 14 4.19 21.77 -1.84
CA ASP B 14 3.96 21.79 -3.29
C ASP B 14 2.61 22.41 -3.61
N ALA B 15 2.19 23.37 -2.79
CA ALA B 15 0.89 24.01 -2.96
C ALA B 15 0.79 24.76 -4.28
N LYS B 16 -0.42 24.84 -4.81
CA LYS B 16 -0.68 25.53 -6.07
C LYS B 16 -1.60 26.72 -5.85
N ALA B 17 -1.15 27.90 -6.26
CA ALA B 17 -1.86 29.15 -5.99
C ALA B 17 -3.17 29.27 -6.77
N TYR B 18 -3.39 28.38 -7.73
CA TYR B 18 -4.59 28.44 -8.54
C TYR B 18 -5.70 27.53 -7.99
N GLU B 19 -5.35 26.75 -6.96
CA GLU B 19 -6.30 25.83 -6.37
C GLU B 19 -7.09 26.49 -5.23
N LYS B 20 -8.35 26.10 -5.08
CA LYS B 20 -9.22 26.70 -4.07
C LYS B 20 -9.40 25.83 -2.83
N GLU B 21 -8.69 24.72 -2.76
CA GLU B 21 -8.68 23.93 -1.53
C GLU B 21 -7.97 24.73 -0.45
N VAL B 22 -8.56 24.76 0.74
CA VAL B 22 -8.12 25.66 1.81
C VAL B 22 -6.68 25.45 2.27
N HIS B 23 -6.19 24.23 2.14
CA HIS B 23 -4.80 23.94 2.49
C HIS B 23 -3.86 24.66 1.52
N ASN B 24 -4.21 24.62 0.24
CA ASN B 24 -3.45 25.31 -0.79
C ASN B 24 -3.44 26.82 -0.56
N VAL B 25 -4.59 27.37 -0.19
CA VAL B 25 -4.71 28.80 0.04
C VAL B 25 -3.83 29.26 1.20
N TRP B 26 -3.83 28.49 2.28
CA TRP B 26 -3.03 28.81 3.46
C TRP B 26 -1.55 28.59 3.18
N ALA B 27 -1.25 27.55 2.40
CA ALA B 27 0.12 27.15 2.15
C ALA B 27 0.87 28.10 1.21
N THR B 28 0.14 28.69 0.28
CA THR B 28 0.75 29.59 -0.71
C THR B 28 1.14 30.93 -0.11
N HIS B 29 0.57 31.27 1.03
CA HIS B 29 0.86 32.54 1.68
C HIS B 29 1.70 32.37 2.94
N ALA B 30 1.70 31.17 3.49
CA ALA B 30 2.39 30.91 4.76
C ALA B 30 3.60 30.01 4.60
N CYS B 31 3.73 29.37 3.44
CA CYS B 31 4.83 28.43 3.23
C CYS B 31 5.76 28.84 2.10
N VAL B 32 6.77 28.02 1.85
CA VAL B 32 7.77 28.26 0.82
C VAL B 32 7.74 27.11 -0.18
N PRO B 33 7.95 27.41 -1.47
CA PRO B 33 8.01 26.34 -2.47
C PRO B 33 9.03 25.28 -2.05
N THR B 34 8.74 24.01 -2.34
CA THR B 34 9.70 22.94 -2.05
C THR B 34 11.00 23.23 -2.78
N ASP B 35 12.11 22.79 -2.19
CA ASP B 35 13.44 23.09 -2.71
C ASP B 35 13.58 23.01 -4.24
N PRO B 36 13.09 21.93 -4.86
CA PRO B 36 12.47 20.74 -4.27
C PRO B 36 13.47 19.59 -4.12
N ASN B 37 14.76 19.87 -4.28
CA ASN B 37 15.77 18.81 -4.18
C ASN B 37 16.99 19.16 -3.32
N PRO B 38 16.85 19.01 -2.00
CA PRO B 38 18.00 19.04 -1.09
C PRO B 38 18.61 17.65 -1.05
N GLN B 39 19.54 17.40 -0.13
CA GLN B 39 20.15 16.08 -0.04
C GLN B 39 20.52 15.69 1.38
N GLU B 40 20.33 14.40 1.70
CA GLU B 40 20.60 13.88 3.03
C GLU B 40 22.11 13.79 3.29
N MET B 41 22.54 14.41 4.38
CA MET B 41 23.93 14.36 4.79
C MET B 41 24.12 13.19 5.76
N VAL B 42 24.17 11.98 5.21
CA VAL B 42 24.26 10.77 6.00
C VAL B 42 25.49 10.79 6.92
N LEU B 43 25.38 10.10 8.05
CA LEU B 43 26.46 10.10 9.03
C LEU B 43 26.81 8.68 9.49
N ALA B 44 28.01 8.54 10.05
CA ALA B 44 28.46 7.25 10.56
C ALA B 44 29.25 7.43 11.85
N ASN B 45 29.17 6.44 12.74
CA ASN B 45 29.86 6.48 14.02
C ASN B 45 29.34 7.58 14.95
N VAL B 46 28.10 7.98 14.74
CA VAL B 46 27.47 8.99 15.58
C VAL B 46 26.12 8.52 16.10
N THR B 47 25.89 8.71 17.40
CA THR B 47 24.64 8.32 18.03
C THR B 47 24.05 9.48 18.81
N GLU B 48 22.79 9.81 18.54
CA GLU B 48 22.12 10.89 19.24
C GLU B 48 20.90 10.41 20.02
N ASN B 49 20.43 11.25 20.94
CA ASN B 49 19.28 10.91 21.76
C ASN B 49 18.03 11.70 21.40
N PHE B 50 17.11 11.05 20.70
CA PHE B 50 15.83 11.65 20.35
C PHE B 50 14.80 11.39 21.44
N ASN B 51 13.84 12.29 21.57
CA ASN B 51 12.72 12.11 22.50
C ASN B 51 11.43 12.65 21.89
N MET B 52 10.69 11.77 21.22
CA MET B 52 9.50 12.17 20.48
C MET B 52 8.45 12.84 21.36
N TRP B 53 8.55 12.61 22.66
CA TRP B 53 7.54 13.08 23.62
C TRP B 53 7.84 14.48 24.15
N LYS B 54 9.08 14.92 23.98
CA LYS B 54 9.47 16.28 24.28
C LYS B 54 10.23 16.87 23.10
N ASN B 55 9.47 17.46 22.17
CA ASN B 55 10.01 17.92 20.90
C ASN B 55 9.24 19.14 20.40
N ASP B 56 9.94 20.26 20.24
CA ASP B 56 9.30 21.52 19.88
C ASP B 56 8.69 21.51 18.49
N MET B 57 9.26 20.71 17.59
CA MET B 57 8.76 20.64 16.22
C MET B 57 7.26 20.40 16.21
N VAL B 58 6.81 19.51 17.09
CA VAL B 58 5.39 19.18 17.23
C VAL B 58 4.57 20.42 17.59
N GLU B 59 4.99 21.13 18.63
CA GLU B 59 4.30 22.35 19.04
C GLU B 59 4.14 23.30 17.87
N GLN B 60 5.24 23.56 17.16
CA GLN B 60 5.21 24.47 16.02
C GLN B 60 4.26 23.99 14.95
N MET B 61 4.26 22.69 14.69
CA MET B 61 3.32 22.10 13.74
C MET B 61 1.90 22.28 14.24
N HIS B 62 1.73 22.14 15.55
CA HIS B 62 0.43 22.32 16.18
C HIS B 62 -0.13 23.72 15.95
N GLU B 63 0.73 24.72 16.13
CA GLU B 63 0.31 26.12 16.03
C GLU B 63 -0.04 26.54 14.61
N ASP B 64 0.60 25.93 13.63
CA ASP B 64 0.36 26.25 12.23
C ASP B 64 -0.93 25.62 11.70
N ILE B 65 -1.18 24.39 12.11
CA ILE B 65 -2.39 23.68 11.70
C ILE B 65 -3.64 24.35 12.26
N ILE B 66 -3.52 24.85 13.49
CA ILE B 66 -4.60 25.63 14.12
C ILE B 66 -4.91 26.85 13.27
N SER B 67 -3.88 27.62 12.94
CA SER B 67 -4.01 28.80 12.09
C SER B 67 -4.62 28.42 10.74
N LEU B 68 -4.07 27.39 10.14
CA LEU B 68 -4.61 26.84 8.90
C LEU B 68 -6.12 26.64 9.04
N TRP B 69 -6.51 25.95 10.11
CA TRP B 69 -7.92 25.70 10.40
C TRP B 69 -8.70 26.99 10.70
N ASP B 70 -8.04 27.92 11.38
CA ASP B 70 -8.68 29.18 11.75
C ASP B 70 -9.07 29.97 10.51
N GLU B 71 -8.34 29.73 9.41
CA GLU B 71 -8.65 30.36 8.13
C GLU B 71 -9.59 29.47 7.34
N SER B 72 -9.24 28.20 7.25
CA SER B 72 -9.96 27.23 6.44
C SER B 72 -11.37 26.96 6.97
N LEU B 73 -11.46 26.11 7.98
CA LEU B 73 -12.75 25.73 8.55
C LEU B 73 -13.26 26.75 9.55
N LYS B 74 -14.19 27.59 9.12
CA LYS B 74 -14.77 28.60 9.99
C LYS B 74 -16.16 28.19 10.47
N PRO B 75 -16.35 28.08 11.79
CA PRO B 75 -17.63 27.71 12.38
C PRO B 75 -18.66 28.81 12.18
N CYS B 76 -19.92 28.45 12.02
CA CYS B 76 -21.00 29.43 11.98
C CYS B 76 -21.02 30.14 13.32
N VAL B 77 -20.82 29.36 14.38
CA VAL B 77 -20.76 29.88 15.73
C VAL B 77 -19.61 29.24 16.50
N LYS B 78 -18.95 30.03 17.34
CA LYS B 78 -17.83 29.56 18.14
C LYS B 78 -18.01 29.98 19.60
N LEU B 79 -18.18 29.01 20.48
CA LEU B 79 -18.47 29.27 21.88
C LEU B 79 -17.29 28.98 22.80
N THR B 80 -16.79 30.03 23.46
CA THR B 80 -15.66 29.90 24.36
C THR B 80 -15.91 30.64 25.68
N GLY B 81 -15.99 29.88 26.77
CA GLY B 81 -16.22 30.46 28.09
C GLY B 81 -17.49 31.27 28.17
N GLY B 82 -18.58 30.72 27.65
CA GLY B 82 -19.87 31.38 27.66
C GLY B 82 -19.99 32.45 26.61
N SER B 83 -18.85 32.84 26.03
CA SER B 83 -18.83 33.86 24.99
C SER B 83 -19.06 33.26 23.61
N ALA B 84 -20.03 33.79 22.89
CA ALA B 84 -20.38 33.28 21.57
C ALA B 84 -19.98 34.23 20.46
N ILE B 85 -19.36 33.68 19.42
CA ILE B 85 -18.92 34.46 18.26
C ILE B 85 -19.36 33.80 16.95
N THR B 86 -20.09 34.55 16.13
CA THR B 86 -20.59 34.01 14.87
C THR B 86 -19.87 34.64 13.68
N GLN B 87 -20.05 34.03 12.51
CA GLN B 87 -19.42 34.52 11.28
C GLN B 87 -19.86 33.68 10.08
N ALA B 88 -19.51 34.14 8.89
CA ALA B 88 -19.81 33.41 7.67
C ALA B 88 -19.15 32.03 7.71
N CYS B 89 -19.91 31.00 7.38
CA CYS B 89 -19.39 29.63 7.37
C CYS B 89 -19.68 28.95 6.04
N PRO B 90 -18.98 29.38 4.99
CA PRO B 90 -19.21 28.82 3.64
C PRO B 90 -18.63 27.41 3.52
N LYS B 91 -19.33 26.55 2.78
CA LYS B 91 -18.81 25.22 2.48
C LYS B 91 -17.63 25.39 1.52
N VAL B 92 -16.59 24.59 1.72
CA VAL B 92 -15.35 24.78 0.99
C VAL B 92 -14.59 23.49 0.72
N SER B 93 -13.77 23.50 -0.33
CA SER B 93 -12.93 22.36 -0.67
C SER B 93 -11.89 22.12 0.43
N PHE B 94 -11.87 20.89 0.95
CA PHE B 94 -10.99 20.56 2.06
C PHE B 94 -10.31 19.20 1.87
N ASP B 95 -9.02 19.24 1.57
CA ASP B 95 -8.22 18.01 1.45
C ASP B 95 -6.74 18.30 1.72
N PRO B 96 -6.24 17.81 2.87
CA PRO B 96 -4.89 18.05 3.40
C PRO B 96 -3.76 17.84 2.40
N ILE B 97 -2.61 18.43 2.71
CA ILE B 97 -1.43 18.40 1.85
C ILE B 97 -0.19 18.05 2.68
N PRO B 98 0.77 17.35 2.08
CA PRO B 98 2.02 17.06 2.78
C PRO B 98 2.80 18.34 3.09
N LEU B 99 3.17 18.54 4.35
CA LEU B 99 3.93 19.72 4.75
C LEU B 99 5.34 19.33 5.17
N HIS B 100 6.32 20.08 4.67
CA HIS B 100 7.72 19.90 5.06
C HIS B 100 8.14 21.03 5.99
N TYR B 101 8.50 20.69 7.22
CA TYR B 101 9.03 21.68 8.14
C TYR B 101 10.55 21.79 8.02
N CYS B 102 11.03 23.03 7.90
CA CYS B 102 12.44 23.28 7.61
C CYS B 102 13.10 24.17 8.66
N ALA B 103 14.42 24.02 8.81
CA ALA B 103 15.18 24.83 9.76
C ALA B 103 15.87 26.00 9.05
N PRO B 104 15.74 27.21 9.64
CA PRO B 104 16.33 28.44 9.09
C PRO B 104 17.85 28.33 8.92
N ALA B 105 18.45 29.36 8.36
CA ALA B 105 19.90 29.39 8.16
C ALA B 105 20.63 29.40 9.49
N GLY B 106 21.32 28.30 9.79
CA GLY B 106 22.07 28.19 11.02
C GLY B 106 21.74 26.93 11.79
N PHE B 107 20.71 26.23 11.35
CA PHE B 107 20.29 25.00 12.01
C PHE B 107 20.08 23.87 11.01
N ALA B 108 19.81 22.67 11.52
CA ALA B 108 19.55 21.52 10.68
C ALA B 108 18.64 20.54 11.41
N ILE B 109 18.28 19.46 10.73
CA ILE B 109 17.40 18.46 11.32
C ILE B 109 18.09 17.09 11.37
N LEU B 110 18.16 16.51 12.56
CA LEU B 110 18.72 15.18 12.71
C LEU B 110 17.65 14.11 12.46
N LYS B 111 17.83 13.35 11.39
CA LYS B 111 16.85 12.34 11.00
C LYS B 111 17.35 10.94 11.35
N CYS B 112 16.70 10.32 12.34
CA CYS B 112 17.03 8.95 12.72
C CYS B 112 16.76 8.01 11.54
N ASN B 113 17.54 6.94 11.44
CA ASN B 113 17.42 6.02 10.32
C ASN B 113 17.23 4.57 10.76
N ASN B 114 16.95 4.36 12.04
CA ASN B 114 16.69 3.03 12.55
C ASN B 114 15.24 2.63 12.33
N LYS B 115 15.03 1.65 11.46
CA LYS B 115 13.69 1.21 11.10
C LYS B 115 13.02 0.42 12.23
N THR B 116 13.46 0.67 13.46
CA THR B 116 12.90 -0.01 14.62
C THR B 116 12.81 0.95 15.80
N PHE B 117 13.41 2.13 15.64
CA PHE B 117 13.42 3.15 16.67
C PHE B 117 12.03 3.40 17.24
N ASN B 118 11.91 3.35 18.56
CA ASN B 118 10.61 3.44 19.22
C ASN B 118 10.16 4.87 19.53
N GLY B 119 11.10 5.79 19.58
CA GLY B 119 10.77 7.19 19.84
C GLY B 119 11.61 7.84 20.92
N THR B 120 12.16 7.02 21.81
CA THR B 120 12.97 7.53 22.92
C THR B 120 14.27 6.73 23.06
N GLY B 121 15.31 7.40 23.56
CA GLY B 121 16.59 6.75 23.78
C GLY B 121 17.58 7.02 22.66
N PRO B 122 18.73 6.32 22.69
CA PRO B 122 19.82 6.46 21.73
C PRO B 122 19.42 6.05 20.31
N CYS B 123 20.24 6.45 19.33
CA CYS B 123 19.99 6.11 17.94
C CYS B 123 21.32 6.07 17.18
N ARG B 124 21.85 4.87 17.00
CA ARG B 124 23.20 4.70 16.43
C ARG B 124 23.28 4.93 14.92
N ASN B 125 22.21 5.44 14.33
CA ASN B 125 22.21 5.73 12.90
C ASN B 125 21.43 7.00 12.56
N VAL B 126 22.14 8.12 12.48
CA VAL B 126 21.50 9.41 12.24
C VAL B 126 21.79 9.95 10.84
N SER B 127 21.33 11.16 10.58
CA SER B 127 21.55 11.83 9.29
C SER B 127 21.27 13.32 9.46
N THR B 128 21.36 14.08 8.37
CA THR B 128 21.12 15.52 8.43
C THR B 128 20.39 16.05 7.19
N VAL B 129 19.27 16.73 7.43
CA VAL B 129 18.50 17.35 6.35
C VAL B 129 18.00 18.73 6.75
N GLN B 130 17.73 19.57 5.75
CA GLN B 130 17.21 20.91 5.99
C GLN B 130 15.70 20.87 6.24
N CYS B 131 15.02 20.00 5.51
CA CYS B 131 13.57 19.85 5.66
C CYS B 131 13.19 18.42 6.03
N THR B 132 11.98 18.25 6.55
CA THR B 132 11.46 16.92 6.87
C THR B 132 10.73 16.36 5.64
N HIS B 133 10.21 15.15 5.77
CA HIS B 133 9.41 14.56 4.70
C HIS B 133 8.01 15.18 4.72
N GLY B 134 7.25 14.97 3.65
CA GLY B 134 5.92 15.52 3.56
C GLY B 134 4.97 14.93 4.59
N ILE B 135 4.35 15.79 5.38
CA ILE B 135 3.41 15.35 6.41
C ILE B 135 2.00 15.89 6.17
N LYS B 136 1.05 14.99 5.94
CA LYS B 136 -0.35 15.37 5.88
C LYS B 136 -0.83 15.70 7.29
N PRO B 137 -1.38 16.91 7.47
CA PRO B 137 -1.85 17.37 8.78
C PRO B 137 -3.25 16.87 9.07
N VAL B 138 -3.42 15.55 9.14
CA VAL B 138 -4.74 14.94 9.27
C VAL B 138 -5.20 14.85 10.72
N VAL B 139 -6.28 15.56 11.02
CA VAL B 139 -6.84 15.58 12.37
C VAL B 139 -7.83 14.43 12.57
N SER B 140 -7.56 13.58 13.55
CA SER B 140 -8.41 12.44 13.84
C SER B 140 -8.18 11.88 15.23
N THR B 141 -8.97 10.87 15.60
CA THR B 141 -8.83 10.20 16.89
C THR B 141 -8.92 8.69 16.71
N GLN B 142 -8.37 7.96 17.67
CA GLN B 142 -8.41 6.50 17.66
C GLN B 142 -7.57 5.88 16.53
N LEU B 143 -7.89 6.24 15.29
CA LEU B 143 -7.15 5.74 14.14
C LEU B 143 -6.33 6.84 13.48
N LEU B 144 -5.19 6.47 12.91
CA LEU B 144 -4.33 7.42 12.22
C LEU B 144 -4.41 7.20 10.71
N LEU B 145 -4.64 8.29 9.97
CA LEU B 145 -4.95 8.19 8.55
C LEU B 145 -3.94 8.90 7.65
N ASN B 146 -3.74 8.34 6.45
CA ASN B 146 -2.92 8.94 5.42
C ASN B 146 -1.51 9.34 5.87
N GLY B 147 -0.95 8.57 6.80
CA GLY B 147 0.38 8.85 7.30
C GLY B 147 1.43 7.92 6.69
N SER B 148 2.58 7.82 7.35
CA SER B 148 3.64 6.93 6.89
C SER B 148 3.52 5.57 7.56
N LEU B 149 4.13 4.56 6.93
CA LEU B 149 4.11 3.21 7.46
C LEU B 149 5.47 2.82 8.02
N ALA B 150 5.49 1.88 8.95
CA ALA B 150 6.74 1.32 9.45
C ALA B 150 7.39 0.50 8.36
N GLU B 151 8.68 0.72 8.13
CA GLU B 151 9.38 0.06 7.04
C GLU B 151 9.56 -1.44 7.27
N GLU B 152 9.72 -1.84 8.52
CA GLU B 152 9.89 -3.26 8.83
C GLU B 152 8.74 -3.80 9.67
N GLU B 153 8.94 -3.88 10.98
CA GLU B 153 7.93 -4.43 11.88
C GLU B 153 7.06 -3.34 12.50
N ILE B 154 6.09 -3.75 13.32
CA ILE B 154 5.21 -2.80 13.99
C ILE B 154 5.88 -2.22 15.23
N ILE B 155 5.92 -0.89 15.30
CA ILE B 155 6.53 -0.21 16.44
C ILE B 155 5.47 0.22 17.45
N ILE B 156 5.76 -0.03 18.73
CA ILE B 156 4.90 0.44 19.80
C ILE B 156 5.59 1.57 20.57
N ARG B 157 5.03 2.77 20.44
CA ARG B 157 5.64 3.97 21.03
C ARG B 157 4.86 4.42 22.26
N SER B 158 5.58 4.81 23.30
CA SER B 158 4.96 5.31 24.51
C SER B 158 5.97 6.02 25.40
N GLU B 159 5.56 7.15 25.94
CA GLU B 159 6.39 7.90 26.89
C GLU B 159 6.75 6.98 28.05
N ASN B 160 5.91 5.99 28.30
CA ASN B 160 6.11 5.01 29.36
C ASN B 160 5.00 3.96 29.37
N LEU B 161 5.30 2.78 28.85
CA LEU B 161 4.33 1.68 28.79
C LEU B 161 3.76 1.34 30.17
N THR B 162 4.62 1.29 31.18
CA THR B 162 4.20 0.88 32.52
C THR B 162 3.27 1.89 33.19
N ASN B 163 3.11 3.05 32.56
CA ASN B 163 2.16 4.05 33.03
C ASN B 163 0.89 4.04 32.17
N ASN B 164 -0.20 3.53 32.75
CA ASN B 164 -1.45 3.36 32.02
C ASN B 164 -2.04 4.66 31.48
N ALA B 165 -1.66 5.78 32.10
CA ALA B 165 -2.24 7.07 31.76
C ALA B 165 -1.65 7.69 30.49
N LYS B 166 -0.50 7.17 30.06
CA LYS B 166 0.17 7.68 28.86
C LYS B 166 -0.38 7.05 27.58
N THR B 167 -0.64 7.89 26.59
CA THR B 167 -1.13 7.42 25.30
C THR B 167 -0.11 6.52 24.60
N ILE B 168 -0.61 5.46 23.97
CA ILE B 168 0.23 4.53 23.21
C ILE B 168 0.04 4.74 21.72
N ILE B 169 1.13 4.85 20.98
CA ILE B 169 1.06 4.98 19.53
C ILE B 169 1.53 3.70 18.84
N VAL B 170 0.63 3.10 18.07
CA VAL B 170 0.96 1.90 17.30
C VAL B 170 1.22 2.27 15.84
N HIS B 171 2.42 1.98 15.38
CA HIS B 171 2.80 2.32 14.01
C HIS B 171 2.75 1.10 13.09
N LEU B 172 1.66 0.98 12.34
CA LEU B 172 1.49 -0.17 11.45
C LEU B 172 2.51 -0.18 10.31
N ASN B 173 2.77 -1.36 9.77
CA ASN B 173 3.69 -1.51 8.64
C ASN B 173 2.96 -1.95 7.38
N GLU B 174 1.65 -2.12 7.50
CA GLU B 174 0.79 -2.45 6.38
C GLU B 174 -0.56 -1.77 6.57
N SER B 175 -0.88 -0.83 5.69
CA SER B 175 -2.06 0.01 5.85
C SER B 175 -3.37 -0.76 5.64
N VAL B 176 -4.36 -0.43 6.46
CA VAL B 176 -5.71 -0.96 6.31
C VAL B 176 -6.62 0.09 5.69
N ASN B 177 -7.14 -0.20 4.50
CA ASN B 177 -8.00 0.74 3.81
C ASN B 177 -9.36 0.90 4.50
N ILE B 178 -9.87 2.13 4.53
CA ILE B 178 -11.16 2.42 5.12
C ILE B 178 -11.96 3.38 4.25
N VAL B 179 -13.19 2.98 3.91
CA VAL B 179 -14.06 3.81 3.08
C VAL B 179 -15.30 4.26 3.84
N CYS B 180 -15.41 5.57 4.04
CA CYS B 180 -16.55 6.16 4.74
C CYS B 180 -17.43 6.92 3.76
N THR B 181 -18.74 6.73 3.85
CA THR B 181 -19.67 7.36 2.92
C THR B 181 -20.96 7.85 3.57
N ARG B 182 -21.41 9.03 3.16
CA ARG B 182 -22.76 9.50 3.47
C ARG B 182 -23.52 9.49 2.16
N PRO B 183 -24.36 8.47 1.96
CA PRO B 183 -25.07 8.26 0.70
C PRO B 183 -25.86 9.48 0.24
N ASN B 184 -26.29 9.47 -1.01
CA ASN B 184 -27.04 10.58 -1.60
C ASN B 184 -28.13 11.10 -0.66
N ASN B 193 -32.06 9.69 6.58
CA ASN B 193 -31.31 10.63 7.40
C ASN B 193 -30.16 11.27 6.62
N ILE B 194 -30.02 12.58 6.74
CA ILE B 194 -29.01 13.32 5.99
C ILE B 194 -27.63 13.25 6.65
N ARG B 195 -27.63 13.14 7.98
CA ARG B 195 -26.37 13.14 8.72
C ARG B 195 -25.93 11.72 9.08
N GLN B 196 -26.48 10.74 8.38
CA GLN B 196 -26.16 9.34 8.64
C GLN B 196 -25.15 8.79 7.63
N ALA B 197 -24.10 8.15 8.13
CA ALA B 197 -23.05 7.61 7.27
C ALA B 197 -22.56 6.26 7.77
N HIS B 198 -21.62 5.66 7.02
CA HIS B 198 -21.05 4.37 7.39
C HIS B 198 -19.66 4.17 6.78
N CYS B 199 -18.83 3.41 7.49
CA CYS B 199 -17.49 3.10 7.01
C CYS B 199 -17.29 1.59 6.84
N ASN B 200 -16.59 1.22 5.78
CA ASN B 200 -16.36 -0.19 5.47
C ASN B 200 -14.89 -0.60 5.57
N ILE B 201 -14.61 -1.56 6.44
CA ILE B 201 -13.26 -2.10 6.60
C ILE B 201 -13.26 -3.60 6.33
N ASN B 202 -12.24 -4.08 5.62
CA ASN B 202 -12.12 -5.51 5.37
C ASN B 202 -11.67 -6.25 6.62
N GLU B 203 -12.40 -7.30 6.97
CA GLU B 203 -12.16 -8.03 8.22
C GLU B 203 -10.81 -8.74 8.26
N SER B 204 -10.53 -9.53 7.24
CA SER B 204 -9.30 -10.30 7.18
C SER B 204 -8.06 -9.41 7.30
N LYS B 205 -8.13 -8.23 6.71
CA LYS B 205 -7.02 -7.28 6.77
C LYS B 205 -6.97 -6.57 8.13
N TRP B 206 -8.09 -6.56 8.84
CA TRP B 206 -8.13 -6.04 10.19
C TRP B 206 -7.70 -7.12 11.18
N ASN B 207 -7.90 -8.37 10.78
CA ASN B 207 -7.45 -9.50 11.57
C ASN B 207 -5.93 -9.58 11.62
N ASN B 208 -5.32 -9.69 10.45
CA ASN B 208 -3.87 -9.69 10.34
C ASN B 208 -3.28 -8.51 11.10
N THR B 209 -3.94 -7.37 10.98
CA THR B 209 -3.52 -6.14 11.64
C THR B 209 -3.44 -6.30 13.16
N LEU B 210 -4.56 -6.61 13.79
CA LEU B 210 -4.61 -6.74 15.25
C LEU B 210 -3.80 -7.93 15.77
N GLN B 211 -3.82 -9.03 15.03
CA GLN B 211 -3.05 -10.21 15.43
C GLN B 211 -1.58 -9.84 15.56
N LYS B 212 -1.10 -9.05 14.60
CA LYS B 212 0.27 -8.55 14.64
C LYS B 212 0.48 -7.63 15.83
N VAL B 213 -0.44 -6.70 16.02
CA VAL B 213 -0.34 -5.72 17.11
C VAL B 213 -0.39 -6.40 18.47
N GLY B 214 -1.20 -7.45 18.58
CA GLY B 214 -1.33 -8.19 19.82
C GLY B 214 -0.02 -8.84 20.25
N GLU B 215 0.73 -9.34 19.28
CA GLU B 215 2.00 -9.99 19.55
C GLU B 215 3.06 -8.98 19.98
N GLU B 216 3.18 -7.87 19.27
CA GLU B 216 4.17 -6.87 19.63
C GLU B 216 3.85 -6.34 21.03
N LEU B 217 2.57 -6.12 21.29
CA LEU B 217 2.11 -5.72 22.61
C LEU B 217 2.38 -6.84 23.61
N ALA B 218 2.16 -8.07 23.17
CA ALA B 218 2.32 -9.26 23.98
C ALA B 218 3.75 -9.49 24.46
N LYS B 219 4.72 -9.20 23.60
CA LYS B 219 6.12 -9.44 23.92
C LYS B 219 6.56 -8.61 25.13
N HIS B 220 6.10 -7.36 25.19
CA HIS B 220 6.41 -6.50 26.32
C HIS B 220 5.83 -7.09 27.60
N PHE B 221 4.62 -7.62 27.48
CA PHE B 221 3.92 -8.22 28.61
C PHE B 221 4.14 -9.73 28.65
N PRO B 222 5.00 -10.18 29.56
CA PRO B 222 5.47 -11.58 29.65
C PRO B 222 4.39 -12.63 29.37
N SER B 223 3.27 -12.56 30.07
CA SER B 223 2.22 -13.55 29.89
C SER B 223 0.87 -13.07 30.43
N LYS B 224 0.07 -12.47 29.55
CA LYS B 224 -1.24 -11.96 29.94
C LYS B 224 -2.20 -11.98 28.76
N THR B 225 -3.49 -12.11 29.06
CA THR B 225 -4.50 -12.11 28.02
C THR B 225 -4.51 -10.76 27.35
N ILE B 226 -4.69 -10.74 26.04
CA ILE B 226 -4.73 -9.48 25.31
C ILE B 226 -6.18 -9.15 25.01
N LYS B 227 -6.63 -8.00 25.51
CA LYS B 227 -8.01 -7.57 25.32
C LYS B 227 -8.08 -6.21 24.67
N PHE B 228 -8.89 -6.12 23.61
CA PHE B 228 -9.13 -4.85 22.94
C PHE B 228 -10.58 -4.43 23.11
N GLU B 229 -10.80 -3.31 23.78
CA GLU B 229 -12.14 -2.84 24.06
C GLU B 229 -12.34 -1.40 23.55
N PRO B 230 -13.60 -1.02 23.31
CA PRO B 230 -13.95 0.35 22.90
C PRO B 230 -13.58 1.36 23.97
N SER B 231 -13.61 2.65 23.63
CA SER B 231 -13.27 3.70 24.57
C SER B 231 -14.10 3.58 25.85
N SER B 232 -13.45 3.74 26.99
CA SER B 232 -14.11 3.58 28.28
C SER B 232 -15.26 4.57 28.46
N GLY B 233 -15.03 5.81 28.04
CA GLY B 233 -16.04 6.85 28.15
C GLY B 233 -15.45 8.23 27.96
N GLY B 234 -16.33 9.22 27.77
CA GLY B 234 -15.88 10.60 27.57
C GLY B 234 -16.55 11.26 26.37
N ASP B 235 -15.98 12.38 25.92
CA ASP B 235 -16.54 13.12 24.80
C ASP B 235 -16.56 12.29 23.52
N LEU B 236 -17.57 12.53 22.69
CA LEU B 236 -17.74 11.78 21.45
C LEU B 236 -16.48 11.79 20.58
N GLU B 237 -15.84 12.94 20.46
CA GLU B 237 -14.61 13.06 19.67
C GLU B 237 -13.62 11.96 20.05
N ILE B 238 -13.59 11.62 21.34
CA ILE B 238 -12.63 10.66 21.85
C ILE B 238 -13.17 9.24 21.93
N THR B 239 -14.44 9.09 22.26
CA THR B 239 -15.06 7.77 22.37
C THR B 239 -15.38 7.15 21.01
N THR B 240 -15.20 7.94 19.95
CA THR B 240 -15.40 7.45 18.59
C THR B 240 -14.31 7.96 17.66
N HIS B 241 -13.91 7.13 16.71
CA HIS B 241 -12.96 7.56 15.67
C HIS B 241 -13.57 8.72 14.89
N SER B 242 -13.11 9.93 15.16
CA SER B 242 -13.62 11.12 14.50
C SER B 242 -12.61 11.69 13.52
N PHE B 243 -13.11 12.26 12.42
CA PHE B 243 -12.27 12.79 11.36
C PHE B 243 -13.04 13.76 10.50
N ASN B 244 -12.34 14.43 9.59
CA ASN B 244 -12.97 15.38 8.69
C ASN B 244 -12.93 14.90 7.25
N CYS B 245 -14.07 14.99 6.57
CA CYS B 245 -14.16 14.60 5.17
C CYS B 245 -14.86 15.66 4.34
N ARG B 246 -14.11 16.32 3.46
CA ARG B 246 -14.64 17.36 2.60
C ARG B 246 -15.29 18.48 3.41
N GLY B 247 -14.74 18.74 4.60
CA GLY B 247 -15.25 19.79 5.44
C GLY B 247 -16.28 19.30 6.45
N GLU B 248 -16.80 18.10 6.23
CA GLU B 248 -17.80 17.52 7.13
C GLU B 248 -17.14 16.73 8.25
N PHE B 249 -17.72 16.83 9.45
CA PHE B 249 -17.16 16.16 10.62
C PHE B 249 -17.84 14.83 10.90
N PHE B 250 -17.12 13.74 10.64
CA PHE B 250 -17.64 12.40 10.84
C PHE B 250 -17.31 11.85 12.23
N TYR B 251 -18.30 11.24 12.86
CA TYR B 251 -18.12 10.56 14.14
C TYR B 251 -18.54 9.10 13.99
N CYS B 252 -17.57 8.23 13.71
CA CYS B 252 -17.86 6.82 13.46
C CYS B 252 -17.71 5.96 14.71
N ASN B 253 -18.69 5.10 14.93
CA ASN B 253 -18.66 4.18 16.07
C ASN B 253 -17.67 3.05 15.83
N THR B 254 -16.88 2.74 16.86
CA THR B 254 -15.80 1.76 16.72
C THR B 254 -15.98 0.54 17.62
N SER B 255 -17.16 0.39 18.21
CA SER B 255 -17.42 -0.70 19.13
C SER B 255 -17.20 -2.06 18.48
N ASP B 256 -17.43 -2.14 17.18
CA ASP B 256 -17.26 -3.39 16.44
C ASP B 256 -15.88 -3.53 15.84
N LEU B 257 -15.03 -2.53 16.05
CA LEU B 257 -13.67 -2.55 15.50
C LEU B 257 -12.68 -3.02 16.56
N PHE B 258 -12.63 -2.32 17.69
CA PHE B 258 -11.81 -2.74 18.80
C PHE B 258 -12.62 -3.67 19.69
N ASN B 259 -12.78 -4.91 19.26
CA ASN B 259 -13.62 -5.85 19.97
C ASN B 259 -13.14 -7.29 19.79
N GLY B 260 -12.25 -7.72 20.69
CA GLY B 260 -11.72 -9.08 20.64
C GLY B 260 -10.54 -9.27 21.58
N THR B 261 -10.26 -10.54 21.90
CA THR B 261 -9.14 -10.88 22.76
C THR B 261 -8.15 -11.78 22.01
N TYR B 262 -6.87 -11.64 22.33
CA TYR B 262 -5.84 -12.34 21.57
C TYR B 262 -4.73 -12.90 22.47
N ARG B 263 -4.97 -14.08 23.00
CA ARG B 263 -4.03 -14.75 23.88
C ARG B 263 -3.55 -16.07 23.26
N ASN B 264 -2.38 -16.54 23.66
CA ASN B 264 -1.79 -17.73 23.06
C ASN B 264 -1.51 -17.55 21.58
N GLY B 265 -1.29 -16.30 21.18
CA GLY B 265 -1.03 -15.98 19.79
C GLY B 265 -2.31 -15.98 18.96
N THR B 266 -3.37 -16.54 19.52
CA THR B 266 -4.65 -16.66 18.80
C THR B 266 -5.25 -15.30 18.49
N TYR B 267 -6.19 -15.28 17.55
CA TYR B 267 -6.91 -14.07 17.19
C TYR B 267 -8.42 -14.32 17.19
N ASN B 268 -9.15 -13.49 17.93
CA ASN B 268 -10.60 -13.64 18.01
C ASN B 268 -11.29 -12.27 18.03
N HIS B 269 -12.23 -12.08 17.10
CA HIS B 269 -12.88 -10.79 16.93
C HIS B 269 -14.40 -10.90 17.08
N THR B 270 -15.10 -9.78 16.87
CA THR B 270 -16.56 -9.75 16.96
C THR B 270 -17.16 -8.71 16.03
N GLY B 271 -18.43 -8.91 15.65
CA GLY B 271 -19.19 -7.91 14.92
C GLY B 271 -18.87 -7.77 13.44
N ARG B 272 -19.11 -8.84 12.69
CA ARG B 272 -18.83 -8.84 11.25
C ARG B 272 -20.12 -8.76 10.44
N SER B 273 -20.00 -8.83 9.12
CA SER B 273 -21.17 -8.80 8.24
C SER B 273 -21.05 -9.80 7.10
N SER B 274 -22.15 -9.99 6.38
CA SER B 274 -22.24 -11.01 5.34
C SER B 274 -21.13 -10.94 4.30
N ASN B 275 -20.85 -9.74 3.80
CA ASN B 275 -19.85 -9.57 2.75
C ASN B 275 -18.42 -9.82 3.25
N GLY B 276 -18.28 -9.95 4.56
CA GLY B 276 -16.98 -10.17 5.17
C GLY B 276 -16.24 -8.85 5.40
N THR B 277 -17.00 -7.84 5.80
CA THR B 277 -16.45 -6.51 6.06
C THR B 277 -17.07 -5.90 7.31
N ILE B 278 -16.24 -5.25 8.13
CA ILE B 278 -16.72 -4.58 9.33
C ILE B 278 -17.34 -3.23 8.98
N THR B 279 -18.55 -2.99 9.48
CA THR B 279 -19.25 -1.74 9.23
C THR B 279 -19.23 -0.82 10.44
N LEU B 280 -19.09 0.49 10.20
CA LEU B 280 -19.15 1.48 11.26
C LEU B 280 -20.27 2.46 10.99
N GLN B 281 -21.23 2.54 11.91
CA GLN B 281 -22.31 3.52 11.78
C GLN B 281 -21.81 4.90 12.16
N CYS B 282 -21.97 5.86 11.26
CA CYS B 282 -21.42 7.20 11.46
C CYS B 282 -22.50 8.27 11.53
N LYS B 283 -22.19 9.34 12.27
CA LYS B 283 -23.04 10.51 12.34
C LYS B 283 -22.21 11.74 11.98
N ILE B 284 -22.76 12.61 11.14
CA ILE B 284 -22.12 13.89 10.85
C ILE B 284 -22.62 14.91 11.86
N LYS B 285 -21.70 15.47 12.63
CA LYS B 285 -22.06 16.42 13.68
C LYS B 285 -21.77 17.87 13.30
N GLN B 286 -22.64 18.77 13.73
CA GLN B 286 -22.44 20.20 13.51
C GLN B 286 -21.79 20.84 14.74
N ILE B 287 -22.29 20.48 15.92
CA ILE B 287 -21.68 20.92 17.17
C ILE B 287 -20.53 19.99 17.53
N ILE B 288 -19.35 20.57 17.76
CA ILE B 288 -18.17 19.78 18.06
C ILE B 288 -17.33 20.41 19.16
N ASN B 289 -16.55 19.58 19.86
CA ASN B 289 -15.57 20.08 20.80
C ASN B 289 -14.25 20.31 20.07
N MET B 290 -13.82 21.58 20.02
CA MET B 290 -12.63 21.96 19.27
C MET B 290 -11.38 21.27 19.81
N TRP B 291 -10.47 20.92 18.91
CA TRP B 291 -9.19 20.33 19.30
C TRP B 291 -8.14 21.43 19.47
N GLN B 292 -8.37 22.56 18.80
CA GLN B 292 -7.49 23.71 18.89
C GLN B 292 -7.47 24.24 20.32
N GLU B 293 -8.62 24.73 20.78
CA GLU B 293 -8.75 25.23 22.14
C GLU B 293 -9.82 24.46 22.90
N VAL B 294 -10.13 24.93 24.10
CA VAL B 294 -11.28 24.43 24.85
C VAL B 294 -12.49 25.26 24.47
N GLY B 295 -13.52 24.60 23.94
CA GLY B 295 -14.71 25.29 23.48
C GLY B 295 -15.44 24.48 22.43
N ARG B 296 -16.58 25.01 21.97
CA ARG B 296 -17.38 24.30 20.97
C ARG B 296 -17.60 25.11 19.70
N ALA B 297 -17.74 24.41 18.58
CA ALA B 297 -18.00 25.05 17.30
C ALA B 297 -19.24 24.44 16.65
N ILE B 298 -20.07 25.30 16.07
CA ILE B 298 -21.25 24.85 15.35
C ILE B 298 -21.08 25.15 13.87
N TYR B 299 -21.19 24.12 13.03
CA TYR B 299 -21.02 24.29 11.59
C TYR B 299 -22.34 24.16 10.86
N ALA B 300 -22.31 24.39 9.55
CA ALA B 300 -23.50 24.30 8.72
C ALA B 300 -23.86 22.84 8.45
N PRO B 301 -25.11 22.59 8.07
CA PRO B 301 -25.58 21.23 7.71
C PRO B 301 -24.74 20.66 6.57
N PRO B 302 -24.66 19.32 6.48
CA PRO B 302 -23.83 18.63 5.49
C PRO B 302 -24.16 19.06 4.06
N ILE B 303 -23.17 18.97 3.16
CA ILE B 303 -23.40 19.24 1.76
C ILE B 303 -24.26 18.14 1.15
N GLU B 304 -24.61 18.28 -0.12
CA GLU B 304 -25.45 17.28 -0.78
C GLU B 304 -24.63 16.33 -1.65
N GLY B 305 -25.27 15.23 -2.05
CA GLY B 305 -24.60 14.22 -2.85
C GLY B 305 -23.69 13.34 -2.02
N GLU B 306 -23.03 12.39 -2.67
CA GLU B 306 -22.11 11.49 -1.98
C GLU B 306 -21.00 12.25 -1.26
N ILE B 307 -20.90 12.03 0.05
CA ILE B 307 -19.74 12.51 0.81
C ILE B 307 -18.94 11.31 1.28
N THR B 308 -17.89 10.97 0.54
CA THR B 308 -17.13 9.76 0.82
C THR B 308 -15.63 10.01 0.99
N CYS B 309 -15.04 9.38 1.99
CA CYS B 309 -13.60 9.42 2.20
C CYS B 309 -12.98 8.04 2.01
N ASN B 310 -12.02 7.94 1.09
CA ASN B 310 -11.25 6.72 0.90
C ASN B 310 -9.87 6.91 1.50
N SER B 311 -9.68 6.40 2.72
CA SER B 311 -8.47 6.65 3.47
C SER B 311 -7.71 5.37 3.83
N ASN B 312 -6.48 5.54 4.32
CA ASN B 312 -5.67 4.41 4.75
C ASN B 312 -5.31 4.53 6.23
N ILE B 313 -5.65 3.50 7.01
CA ILE B 313 -5.23 3.43 8.40
C ILE B 313 -3.75 3.08 8.43
N THR B 314 -2.97 3.90 9.13
CA THR B 314 -1.52 3.70 9.19
C THR B 314 -0.99 3.73 10.61
N GLY B 315 -1.89 3.83 11.58
CA GLY B 315 -1.51 3.87 12.97
C GLY B 315 -2.69 3.75 13.92
N LEU B 316 -2.40 3.48 15.18
CA LEU B 316 -3.43 3.35 16.21
C LEU B 316 -3.07 4.12 17.47
N LEU B 317 -4.07 4.77 18.07
CA LEU B 317 -3.90 5.43 19.35
C LEU B 317 -4.62 4.64 20.43
N LEU B 318 -3.86 4.06 21.34
CA LEU B 318 -4.44 3.15 22.33
C LEU B 318 -4.26 3.63 23.78
N LEU B 319 -4.98 2.99 24.69
CA LEU B 319 -4.91 3.31 26.11
C LEU B 319 -5.08 2.06 26.97
N ARG B 320 -4.01 1.66 27.64
CA ARG B 320 -4.05 0.53 28.56
C ARG B 320 -4.73 0.95 29.87
N ASP B 321 -5.67 0.14 30.34
CA ASP B 321 -6.47 0.49 31.51
C ASP B 321 -5.67 0.45 32.81
N GLY B 322 -4.71 -0.45 32.89
CA GLY B 322 -3.87 -0.59 34.07
C GLY B 322 -4.69 -0.81 35.33
N GLY B 323 -4.45 0.00 36.35
CA GLY B 323 -5.15 -0.11 37.61
C GLY B 323 -5.07 -1.50 38.21
N GLN B 324 -3.84 -1.97 38.41
CA GLN B 324 -3.62 -3.30 38.99
C GLN B 324 -4.91 -4.09 39.05
N ASN B 329 -5.10 -8.48 36.95
CA ASN B 329 -4.34 -9.72 36.99
C ASN B 329 -4.60 -10.61 35.78
N ASP B 330 -3.53 -11.04 35.13
CA ASP B 330 -3.61 -11.98 34.01
C ASP B 330 -4.30 -11.42 32.77
N THR B 331 -4.55 -10.11 32.75
CA THR B 331 -5.22 -9.50 31.60
C THR B 331 -4.90 -8.02 31.41
N GLU B 332 -4.48 -7.67 30.21
CA GLU B 332 -4.23 -6.28 29.84
C GLU B 332 -5.27 -5.81 28.84
N THR B 333 -5.96 -4.72 29.15
CA THR B 333 -7.00 -4.20 28.28
C THR B 333 -6.58 -2.90 27.61
N PHE B 334 -6.86 -2.78 26.32
CA PHE B 334 -6.48 -1.60 25.56
C PHE B 334 -7.69 -0.99 24.84
N ARG B 335 -7.78 0.34 24.87
CA ARG B 335 -8.92 1.04 24.29
C ARG B 335 -8.46 2.14 23.34
N PRO B 336 -9.28 2.46 22.33
CA PRO B 336 -8.93 3.51 21.38
C PRO B 336 -8.90 4.89 22.05
N GLY B 337 -7.76 5.58 21.97
CA GLY B 337 -7.61 6.87 22.60
C GLY B 337 -7.63 8.01 21.59
N GLY B 338 -6.72 8.96 21.75
CA GLY B 338 -6.67 10.13 20.89
C GLY B 338 -7.27 11.35 21.57
N GLY B 339 -7.25 12.48 20.87
CA GLY B 339 -7.74 13.72 21.43
C GLY B 339 -6.71 14.83 21.29
N ASP B 340 -5.61 14.72 22.03
CA ASP B 340 -4.52 15.68 21.92
C ASP B 340 -3.83 15.50 20.57
N MET B 341 -4.15 16.37 19.63
CA MET B 341 -3.70 16.22 18.25
C MET B 341 -2.18 16.20 18.06
N ARG B 342 -1.45 16.63 19.09
CA ARG B 342 0.01 16.61 19.03
C ARG B 342 0.52 15.19 18.82
N ASP B 343 -0.22 14.23 19.36
CA ASP B 343 0.14 12.82 19.22
C ASP B 343 0.08 12.38 17.75
N ASN B 344 -0.85 12.95 17.00
CA ASN B 344 -0.98 12.64 15.58
C ASN B 344 0.26 13.08 14.79
N TRP B 345 1.11 13.86 15.45
CA TRP B 345 2.24 14.47 14.78
C TRP B 345 3.57 14.03 15.39
N ARG B 346 3.49 13.54 16.63
CA ARG B 346 4.63 12.83 17.22
C ARG B 346 4.82 11.55 16.43
N SER B 347 3.74 11.06 15.86
CA SER B 347 3.73 9.82 15.07
C SER B 347 4.47 9.99 13.75
N GLU B 348 4.78 11.23 13.39
CA GLU B 348 5.46 11.52 12.13
C GLU B 348 6.76 12.28 12.35
N LEU B 349 6.85 13.00 13.47
CA LEU B 349 8.03 13.80 13.78
C LEU B 349 8.96 13.09 14.76
N TYR B 350 8.61 11.85 15.09
CA TYR B 350 9.43 11.04 16.00
C TYR B 350 10.83 10.86 15.45
N LYS B 351 10.96 10.97 14.13
CA LYS B 351 12.25 10.78 13.46
C LYS B 351 13.09 12.05 13.49
N TYR B 352 12.45 13.18 13.79
CA TYR B 352 13.10 14.48 13.64
C TYR B 352 13.43 15.18 14.95
N LYS B 353 14.46 16.01 14.90
CA LYS B 353 14.94 16.75 16.07
C LYS B 353 15.84 17.89 15.61
N VAL B 354 15.42 19.12 15.89
CA VAL B 354 16.19 20.29 15.49
C VAL B 354 17.55 20.32 16.19
N VAL B 355 18.60 20.58 15.42
CA VAL B 355 19.95 20.64 15.95
C VAL B 355 20.66 21.89 15.47
N GLU B 356 21.49 22.48 16.33
CA GLU B 356 22.24 23.66 15.97
C GLU B 356 23.61 23.28 15.41
N ILE B 357 23.90 23.75 14.21
CA ILE B 357 25.17 23.47 13.55
C ILE B 357 26.30 24.24 14.25
N LYS B 358 25.90 25.07 15.22
CA LYS B 358 26.82 25.89 15.98
C LYS B 358 27.91 25.05 16.64
C1 NAG C . -12.04 -23.93 -18.19
C2 NAG C . -11.12 -25.07 -18.61
C3 NAG C . -11.52 -25.62 -19.97
C4 NAG C . -13.01 -25.91 -20.02
C5 NAG C . -13.82 -24.72 -19.52
C6 NAG C . -15.31 -25.04 -19.50
C7 NAG C . -8.87 -24.97 -17.71
C8 NAG C . -7.43 -24.70 -18.03
N2 NAG C . -9.75 -24.61 -18.64
O3 NAG C . -10.78 -26.82 -20.24
O4 NAG C . -13.40 -26.21 -21.38
O5 NAG C . -13.39 -24.38 -18.21
O6 NAG C . -16.03 -23.93 -18.94
O7 NAG C . -9.22 -25.48 -16.65
C1 NAG D . 5.36 -5.44 -4.12
C2 NAG D . 6.57 -4.60 -4.57
C3 NAG D . 7.26 -3.96 -3.37
C4 NAG D . 6.25 -3.23 -2.50
C5 NAG D . 5.11 -4.17 -2.13
C6 NAG D . 4.09 -3.48 -1.24
C7 NAG D . 7.75 -5.25 -6.59
C8 NAG D . 8.47 -6.36 -7.30
N2 NAG D . 7.51 -5.43 -5.30
O3 NAG D . 8.26 -3.03 -3.83
O4 NAG D . 6.89 -2.77 -1.30
O5 NAG D . 4.48 -4.64 -3.32
O6 NAG D . 3.67 -2.24 -1.83
O7 NAG D . 7.41 -4.23 -7.17
C1 NAG E . -4.84 -28.03 -27.83
C2 NAG E . -5.75 -27.93 -29.04
C3 NAG E . -5.61 -29.15 -29.95
C4 NAG E . -4.13 -29.42 -30.24
C5 NAG E . -3.32 -29.44 -28.96
C6 NAG E . -1.84 -29.65 -29.27
C7 NAG E . -7.83 -26.69 -28.86
C8 NAG E . -9.17 -26.61 -28.19
N2 NAG E . -7.13 -27.80 -28.62
O3 NAG E . -6.30 -28.92 -31.17
O4 NAG E . -4.01 -30.68 -30.91
O5 NAG E . -3.49 -28.21 -28.27
O6 NAG E . -1.34 -28.52 -30.00
O7 NAG E . -7.41 -25.82 -29.59
C1 NAG F . -6.17 -22.87 -1.45
C2 NAG F . -7.22 -23.47 -0.52
C3 NAG F . -6.95 -24.95 -0.37
C4 NAG F . -7.02 -25.60 -1.74
C5 NAG F . -6.13 -24.88 -2.75
C6 NAG F . -6.39 -25.40 -4.16
C7 NAG F . -8.29 -22.02 1.10
C8 NAG F . -9.62 -22.50 0.61
N2 NAG F . -7.24 -22.78 0.75
O3 NAG F . -7.92 -25.53 0.51
O4 NAG F . -6.61 -26.97 -1.63
O5 NAG F . -6.36 -23.47 -2.74
O6 NAG F . -5.76 -26.68 -4.34
O7 NAG F . -8.17 -21.00 1.77
C1 NAG G . 9.42 -28.14 3.02
C2 NAG G . 9.41 -28.12 4.55
C3 NAG G . 9.76 -29.50 5.10
C4 NAG G . 8.86 -30.53 4.44
C5 NAG G . 9.09 -30.50 2.94
C6 NAG G . 8.28 -31.59 2.25
C7 NAG G . 10.93 -27.11 6.20
C8 NAG G . 12.39 -26.76 6.18
N2 NAG G . 10.33 -27.10 5.01
O3 NAG G . 9.56 -29.56 6.52
O4 NAG G . 9.10 -31.83 4.98
O5 NAG G . 8.68 -29.23 2.48
O6 NAG G . 6.89 -31.32 2.44
O7 NAG G . 10.35 -27.36 7.24
C1 NAG H . 21.70 -20.97 -10.88
C2 NAG H . 22.25 -20.98 -12.30
C3 NAG H . 22.73 -22.38 -12.66
C4 NAG H . 23.74 -22.84 -11.62
C5 NAG H . 23.16 -22.74 -10.21
C6 NAG H . 24.19 -23.11 -9.16
C7 NAG H . 21.52 -19.55 -14.12
C8 NAG H . 20.89 -19.71 -15.47
N2 NAG H . 21.25 -20.52 -13.25
O3 NAG H . 23.32 -22.35 -13.96
O4 NAG H . 24.11 -24.20 -11.87
O5 NAG H . 22.71 -21.39 -9.96
O6 NAG H . 25.12 -22.03 -9.00
O7 NAG H . 22.23 -18.61 -13.84
C1 NAG I . 17.81 -28.97 -7.78
C2 NAG I . 18.70 -29.21 -9.00
C3 NAG I . 20.01 -29.87 -8.60
C4 NAG I . 20.65 -29.13 -7.44
C5 NAG I . 19.65 -29.00 -6.30
C6 NAG I . 20.25 -28.31 -5.09
C7 NAG I . 17.57 -29.55 -11.12
C8 NAG I . 18.44 -28.50 -11.75
N2 NAG I . 18.01 -30.04 -9.97
O3 NAG I . 20.89 -29.88 -9.73
O4 NAG I . 21.81 -29.83 -6.98
O5 NAG I . 18.52 -28.27 -6.77
O6 NAG I . 20.78 -27.04 -5.47
O7 NAG I . 16.54 -29.93 -11.64
C1 NAG J . 1.71 -9.43 1.45
C2 NAG J . 0.67 -8.32 1.55
C3 NAG J . 0.12 -8.23 2.97
C4 NAG J . -0.36 -9.60 3.43
C5 NAG J . 0.70 -10.67 3.20
C6 NAG J . 0.20 -12.04 3.59
C7 NAG J . 0.90 -6.51 -0.04
C8 NAG J . 1.18 -5.03 -0.17
N2 NAG J . 1.23 -7.04 1.14
O3 NAG J . -0.96 -7.30 3.00
O4 NAG J . -0.69 -9.55 4.82
O5 NAG J . 1.10 -10.66 1.83
O6 NAG J . -1.01 -12.34 2.87
O7 NAG J . 0.42 -7.15 -0.94
C1 NAG K . 12.80 2.53 23.39
C2 NAG K . 12.00 2.08 24.61
C3 NAG K . 12.66 2.55 25.90
C4 NAG K . 14.13 2.16 25.91
C5 NAG K . 14.82 2.64 24.64
C6 NAG K . 16.29 2.23 24.63
C7 NAG K . 9.61 1.87 24.96
C8 NAG K . 8.86 2.43 26.14
N2 NAG K . 10.64 2.58 24.53
O3 NAG K . 12.00 1.96 27.02
O4 NAG K . 14.77 2.73 27.05
O5 NAG K . 14.16 2.10 23.51
O6 NAG K . 16.96 2.91 23.56
O7 NAG K . 9.29 0.81 24.44
C1 NAG L . -6.69 10.44 2.91
C2 NAG L . -7.87 11.41 2.90
C3 NAG L . -8.73 11.25 1.65
C4 NAG L . -7.85 11.27 0.41
C5 NAG L . -6.76 10.23 0.53
C6 NAG L . -5.88 10.19 -0.71
C7 NAG L . -8.72 12.21 5.02
C8 NAG L . -8.78 11.75 6.44
N2 NAG L . -8.66 11.24 4.09
O3 NAG L . -9.70 12.29 1.59
O4 NAG L . -8.64 11.03 -0.76
O5 NAG L . -5.96 10.53 1.68
O6 NAG L . -5.33 11.48 -0.95
O7 NAG L . -8.73 13.38 4.71
C1 NAG M . 7.09 4.73 34.02
C2 NAG M . 8.33 5.56 34.27
C3 NAG M . 9.33 4.75 35.10
C4 NAG M . 8.66 4.23 36.37
C5 NAG M . 7.34 3.52 36.05
C6 NAG M . 6.61 3.14 37.34
C7 NAG M . 10.12 6.55 32.94
C8 NAG M . 11.16 5.86 32.09
N2 NAG M . 8.93 5.96 33.00
O3 NAG M . 10.43 5.59 35.49
O4 NAG M . 9.54 3.32 37.03
O5 NAG M . 6.50 4.37 35.27
O6 NAG M . 5.21 3.15 37.11
O7 NAG M . 10.36 7.60 33.51
C1 NAG N . 4.75 -6.10 9.57
C2 NAG N . 5.57 -7.01 8.65
C3 NAG N . 5.25 -8.46 8.98
C4 NAG N . 5.51 -8.72 10.45
C5 NAG N . 4.83 -7.68 11.33
C6 NAG N . 5.27 -7.85 12.79
C7 NAG N . 6.26 -6.17 6.50
C8 NAG N . 7.68 -6.41 6.95
N2 NAG N . 5.32 -6.72 7.26
O3 NAG N . 6.08 -9.32 8.18
O4 NAG N . 5.03 -10.03 10.80
O5 NAG N . 5.15 -6.36 10.91
O6 NAG N . 5.02 -6.64 13.50
O7 NAG N . 6.00 -5.52 5.50
C1 NAG O . -21.35 2.29 19.47
C2 NAG O . -21.80 3.13 20.66
C3 NAG O . -22.33 2.23 21.78
C4 NAG O . -23.40 1.30 21.23
C5 NAG O . -22.87 0.54 20.02
C6 NAG O . -23.96 -0.35 19.42
C7 NAG O . -20.86 5.26 21.35
C8 NAG O . -19.94 5.88 22.35
N2 NAG O . -20.71 3.95 21.16
O3 NAG O . -22.88 3.04 22.82
O4 NAG O . -23.80 0.38 22.24
O5 NAG O . -22.43 1.46 19.03
O6 NAG O . -23.47 -0.97 18.22
O7 NAG O . -21.69 5.92 20.74
C1 NAG P . -18.26 -6.50 20.82
C2 NAG P . -19.12 -5.74 21.83
C3 NAG P . -20.35 -6.56 22.20
C4 NAG P . -21.08 -6.98 20.93
C5 NAG P . -20.14 -7.68 19.97
C6 NAG P . -20.85 -8.07 18.69
C7 NAG P . -18.25 -4.16 23.44
C8 NAG P . -18.55 -3.09 22.43
N2 NAG P . -18.35 -5.42 23.01
O3 NAG P . -21.21 -5.77 23.02
O4 NAG P . -22.17 -7.86 21.25
O5 NAG P . -19.05 -6.80 19.67
O6 NAG P . -20.38 -7.23 17.62
O7 NAG P . -17.93 -3.90 24.59
#